data_3B52
#
_entry.id   3B52
#
_cell.length_a   111.520
_cell.length_b   74.570
_cell.length_c   70.710
_cell.angle_alpha   90.00
_cell.angle_beta   111.30
_cell.angle_gamma   90.00
#
_symmetry.space_group_name_H-M   'C 1 2 1'
#
loop_
_entity.id
_entity.type
_entity.pdbx_description
1 polymer 'Carbon monoxide dehydrogenase 2'
2 non-polymer 'FE (II) ION'
3 non-polymer 'IRON/SULFUR CLUSTER'
4 non-polymer 'FE2/S2 (INORGANIC) CLUSTER'
5 non-polymer 'FE(3)-NI(1)-S(4) CLUSTER'
6 non-polymer 'CARBON DIOXIDE'
7 water water
#
_entity_poly.entity_id   1
_entity_poly.type   'polypeptide(L)'
_entity_poly.pdbx_seq_one_letter_code
;MGSSHHHHHHSSGLVPRGSHMARQNLKSTDRAVQQMLDKAKREGIQTVWDRYEAMKPQCGFGETGLCCRHCLQGPCRINP
FGDEPKVGICGATAEVIVARGLDRSIAAGAAGHSGHAKHLAHTLKKAVQGKAASYMIKDRTKLHSIAKRLGIPTEGQKDE
DIALEVAKAALADFHEKDTPVLWVTTVLPPSRVKVLSAHGLIPAGIDHEIAEIMHRTSMGCDADAQNLLLGGLRCSLADL
AGCYMGTDLADILFGTPAPVVTESNLGVLKADAVNVAVHGHNPVLSDIIVSVSKEMENEARAAGATGINVVGICCTGNEV
LMRHGIPACTHSVSQEMAMITGALDAMILDYQCIQPSVATIAECTGTTVITTMEMSKITGATHVNFAEEAAVENAKQILR
LAIDTFKRRKGKPVEIPNIKTKVVAGFSTEAIINALSKLNANDPLKPLIDNVVNGNIRGVCLFAGCNNVKVPQDQNFTTI
ARKLLKQNVLVVATGCGAGALMRHGFMDPANVDELCGDGLKAVLTAIGEANGLGGPLPPVLHMGSCVDNSRAVALVAALA
NRLGVDLDRLPVVASAAEAMHEKAVAIGTWAVTIGLPTHIGVLPPITGSLPVTQILTSSVKDITGGYFIVELDPETAADK
LLAAINERRAGLGLPW
;
_entity_poly.pdbx_strand_id   X
#
loop_
_chem_comp.id
_chem_comp.type
_chem_comp.name
_chem_comp.formula
CO2 non-polymer 'CARBON DIOXIDE' 'C O2'
FE2 non-polymer 'FE (II) ION' 'Fe 2'
FES non-polymer 'FE2/S2 (INORGANIC) CLUSTER' 'Fe2 S2'
SF4 non-polymer 'IRON/SULFUR CLUSTER' 'Fe4 S4'
WCC non-polymer 'FE(3)-NI(1)-S(4) CLUSTER' 'Fe3 Ni S4'
#
# COMPACT_ATOMS: atom_id res chain seq x y z
N GLN A 24 10.53 9.94 23.51
CA GLN A 24 9.66 9.85 22.29
C GLN A 24 10.26 8.90 21.23
N ASN A 25 11.56 8.65 21.32
CA ASN A 25 12.26 7.72 20.42
CA ASN A 25 12.23 7.73 20.39
C ASN A 25 11.74 6.29 20.54
N LEU A 26 11.08 5.99 21.66
CA LEU A 26 10.49 4.68 21.87
C LEU A 26 9.17 4.54 21.10
N LYS A 27 8.58 5.67 20.72
CA LYS A 27 7.34 5.73 20.00
C LYS A 27 7.57 5.83 18.49
N SER A 28 8.43 6.77 18.10
CA SER A 28 8.75 6.95 16.68
C SER A 28 10.22 7.23 16.52
N THR A 29 10.83 6.67 15.47
CA THR A 29 12.21 7.00 15.15
C THR A 29 12.32 8.25 14.28
N ASP A 30 11.17 8.82 13.91
CA ASP A 30 11.14 10.02 13.10
C ASP A 30 11.23 11.23 14.02
N ARG A 31 12.27 12.04 13.84
CA ARG A 31 12.50 13.18 14.73
C ARG A 31 11.42 14.25 14.64
N ALA A 32 10.82 14.44 13.47
CA ALA A 32 9.72 15.38 13.33
C ALA A 32 8.53 14.91 14.16
N VAL A 33 8.28 13.60 14.11
CA VAL A 33 7.20 13.00 14.90
C VAL A 33 7.50 13.12 16.39
N GLN A 34 8.74 12.89 16.78
CA GLN A 34 9.14 13.06 18.19
C GLN A 34 8.86 14.48 18.65
N GLN A 35 9.19 15.46 17.82
CA GLN A 35 8.98 16.86 18.20
C GLN A 35 7.49 17.15 18.42
N MET A 36 6.65 16.61 17.53
CA MET A 36 5.21 16.80 17.66
C MET A 36 4.59 16.03 18.82
N LEU A 37 5.15 14.86 19.14
CA LEU A 37 4.77 14.13 20.35
C LEU A 37 4.98 14.97 21.60
N ASP A 38 6.11 15.68 21.65
CA ASP A 38 6.37 16.56 22.78
C ASP A 38 5.32 17.69 22.85
N LYS A 39 4.96 18.23 21.70
CA LYS A 39 3.95 19.28 21.64
C LYS A 39 2.60 18.74 22.05
N ALA A 40 2.21 17.59 21.51
CA ALA A 40 0.97 16.95 21.92
C ALA A 40 0.92 16.70 23.44
N LYS A 41 2.02 16.24 24.02
CA LYS A 41 2.08 15.96 25.46
C LYS A 41 1.85 17.23 26.30
N ARG A 42 2.64 18.26 25.96
CA ARG A 42 2.56 19.61 26.52
C ARG A 42 1.13 20.17 26.53
N GLU A 43 0.44 19.93 25.41
CA GLU A 43 -0.87 20.48 25.17
C GLU A 43 -2.00 19.56 25.61
N GLY A 44 -1.65 18.38 26.10
CA GLY A 44 -2.65 17.42 26.61
C GLY A 44 -3.50 16.81 25.51
N ILE A 45 -2.95 16.69 24.32
CA ILE A 45 -3.65 16.08 23.18
C ILE A 45 -3.26 14.63 23.12
N GLN A 46 -4.26 13.78 23.35
CA GLN A 46 -4.05 12.34 23.34
C GLN A 46 -3.73 11.83 21.93
N THR A 47 -2.71 11.00 21.82
CA THR A 47 -2.29 10.42 20.54
C THR A 47 -2.54 8.92 20.48
N VAL A 48 -2.32 8.36 19.30
CA VAL A 48 -2.37 6.92 19.07
C VAL A 48 -1.46 6.18 20.06
N TRP A 49 -0.29 6.74 20.35
CA TRP A 49 0.59 6.08 21.31
C TRP A 49 0.02 6.09 22.71
N ASP A 50 -0.66 7.17 23.09
CA ASP A 50 -1.33 7.24 24.38
C ASP A 50 -2.49 6.25 24.45
N ARG A 51 -3.25 6.16 23.37
CA ARG A 51 -4.38 5.23 23.34
C ARG A 51 -3.89 3.77 23.38
N TYR A 52 -2.74 3.51 22.74
CA TYR A 52 -2.06 2.20 22.83
C TYR A 52 -1.63 1.86 24.25
N GLU A 53 -0.93 2.79 24.91
CA GLU A 53 -0.55 2.61 26.32
C GLU A 53 -1.77 2.30 27.20
N ALA A 54 -2.85 3.03 26.97
CA ALA A 54 -4.09 2.85 27.73
C ALA A 54 -4.75 1.47 27.50
N MET A 55 -4.41 0.85 26.37
CA MET A 55 -4.94 -0.44 25.98
C MET A 55 -4.15 -1.64 26.59
N LYS A 56 -2.95 -1.39 27.08
CA LYS A 56 -2.13 -2.45 27.63
C LYS A 56 -2.60 -2.89 29.01
N PRO A 57 -2.50 -4.20 29.33
CA PRO A 57 -2.07 -5.26 28.45
C PRO A 57 -3.23 -5.65 27.52
N GLN A 58 -2.92 -5.90 26.25
CA GLN A 58 -3.95 -6.31 25.30
C GLN A 58 -4.34 -7.78 25.56
N CYS A 59 -5.52 -8.13 25.09
CA CYS A 59 -6.11 -9.43 25.29
C CYS A 59 -5.30 -10.51 24.59
N GLY A 60 -4.87 -11.52 25.33
CA GLY A 60 -4.03 -12.56 24.76
C GLY A 60 -4.80 -13.53 23.87
N PHE A 61 -6.11 -13.63 24.06
CA PHE A 61 -6.92 -14.44 23.16
C PHE A 61 -6.94 -13.78 21.79
N GLY A 62 -7.28 -12.48 21.73
CA GLY A 62 -7.19 -11.74 20.49
C GLY A 62 -5.84 -11.77 19.82
N GLU A 63 -4.78 -11.55 20.59
CA GLU A 63 -3.40 -11.55 20.07
C GLU A 63 -3.03 -12.85 19.34
N THR A 64 -3.49 -13.99 19.88
CA THR A 64 -3.14 -15.32 19.36
C THR A 64 -4.14 -15.84 18.34
N GLY A 65 -5.24 -15.12 18.16
CA GLY A 65 -6.31 -15.51 17.28
C GLY A 65 -7.31 -16.45 17.88
N LEU A 66 -7.20 -16.71 19.19
CA LEU A 66 -8.04 -17.70 19.85
C LEU A 66 -9.29 -17.05 20.46
N CYS A 67 -9.99 -16.28 19.61
CA CYS A 67 -11.27 -15.74 19.98
C CYS A 67 -12.16 -15.78 18.76
N CYS A 68 -13.44 -16.07 18.97
CA CYS A 68 -14.40 -16.11 17.90
C CYS A 68 -15.68 -15.46 18.37
N ARG A 69 -16.19 -14.54 17.55
CA ARG A 69 -17.46 -13.88 17.79
C ARG A 69 -18.37 -14.04 16.57
N HIS A 70 -18.28 -15.16 15.87
CA HIS A 70 -19.05 -15.37 14.64
C HIS A 70 -20.48 -15.81 14.86
N CYS A 71 -20.91 -15.93 16.11
CA CYS A 71 -22.33 -16.13 16.36
C CYS A 71 -22.67 -15.64 17.77
N LEU A 72 -23.95 -15.62 18.05
CA LEU A 72 -24.41 -15.08 19.32
C LEU A 72 -24.35 -16.06 20.48
N GLN A 73 -23.82 -17.25 20.25
CA GLN A 73 -23.43 -18.09 21.36
C GLN A 73 -22.10 -17.64 21.92
N GLY A 74 -21.34 -16.87 21.17
CA GLY A 74 -20.07 -16.40 21.65
C GLY A 74 -20.26 -15.22 22.60
N PRO A 75 -19.16 -14.58 22.99
CA PRO A 75 -17.83 -14.82 22.49
C PRO A 75 -17.21 -16.11 23.02
N CYS A 76 -16.51 -16.79 22.12
CA CYS A 76 -15.76 -18.00 22.44
C CYS A 76 -14.29 -17.66 22.43
N ARG A 77 -13.55 -18.36 23.27
CA ARG A 77 -12.12 -18.27 23.30
C ARG A 77 -11.53 -19.63 23.62
N ILE A 78 -10.25 -19.78 23.36
CA ILE A 78 -9.55 -21.00 23.65
C ILE A 78 -8.28 -20.57 24.36
N ASN A 79 -8.01 -21.15 25.52
CA ASN A 79 -6.71 -20.92 26.18
C ASN A 79 -5.61 -21.39 25.24
N PRO A 80 -4.64 -20.52 24.94
CA PRO A 80 -3.47 -20.96 24.19
C PRO A 80 -2.85 -22.23 24.80
N PHE A 81 -2.76 -22.23 26.13
CA PHE A 81 -2.26 -23.37 26.87
C PHE A 81 -3.02 -23.53 28.17
N GLY A 82 -3.06 -24.76 28.67
CA GLY A 82 -3.64 -25.03 29.98
C GLY A 82 -4.90 -25.86 29.81
N ASP A 83 -5.93 -25.47 30.54
CA ASP A 83 -7.15 -26.24 30.64
C ASP A 83 -8.25 -25.55 29.83
N GLU A 84 -9.50 -25.86 30.16
CA GLU A 84 -10.66 -25.33 29.45
CA GLU A 84 -10.64 -25.32 29.44
C GLU A 84 -10.73 -23.82 29.56
N PRO A 85 -11.30 -23.15 28.53
CA PRO A 85 -11.83 -23.71 27.29
C PRO A 85 -10.75 -24.17 26.32
N LYS A 86 -11.01 -25.31 25.70
CA LYS A 86 -10.13 -25.87 24.66
C LYS A 86 -10.70 -25.83 23.25
N VAL A 87 -12.00 -25.56 23.14
CA VAL A 87 -12.72 -25.63 21.88
C VAL A 87 -13.91 -24.67 21.94
N GLY A 88 -14.27 -24.11 20.79
CA GLY A 88 -15.48 -23.28 20.61
C GLY A 88 -16.75 -24.02 21.03
N ILE A 89 -17.78 -23.26 21.35
CA ILE A 89 -19.04 -23.80 21.81
C ILE A 89 -19.66 -24.73 20.77
N CYS A 90 -19.56 -24.35 19.51
CA CYS A 90 -20.07 -25.16 18.39
C CYS A 90 -19.16 -26.34 18.00
N GLY A 91 -17.98 -26.42 18.63
CA GLY A 91 -16.97 -27.41 18.34
C GLY A 91 -15.84 -26.89 17.47
N ALA A 92 -15.85 -25.58 17.19
CA ALA A 92 -14.81 -24.98 16.36
C ALA A 92 -13.45 -25.11 17.08
N THR A 93 -12.49 -25.72 16.41
CA THR A 93 -11.16 -25.91 16.98
C THR A 93 -10.36 -24.62 16.91
N ALA A 94 -9.21 -24.57 17.58
CA ALA A 94 -8.27 -23.47 17.46
C ALA A 94 -7.90 -23.24 15.99
N GLU A 95 -7.70 -24.33 15.25
CA GLU A 95 -7.24 -24.18 13.88
CA GLU A 95 -7.29 -24.31 13.84
C GLU A 95 -8.33 -23.60 12.98
N VAL A 96 -9.59 -23.96 13.21
CA VAL A 96 -10.72 -23.38 12.50
C VAL A 96 -10.90 -21.89 12.88
N ILE A 97 -10.92 -21.60 14.17
CA ILE A 97 -11.14 -20.23 14.65
C ILE A 97 -10.04 -19.31 14.11
N VAL A 98 -8.79 -19.76 14.20
CA VAL A 98 -7.69 -18.95 13.66
C VAL A 98 -7.79 -18.75 12.15
N ALA A 99 -8.03 -19.81 11.40
CA ALA A 99 -8.15 -19.68 9.94
C ALA A 99 -9.37 -18.83 9.53
N ARG A 100 -10.51 -18.98 10.21
CA ARG A 100 -11.68 -18.12 9.90
C ARG A 100 -11.44 -16.64 10.12
N GLY A 101 -10.80 -16.30 11.22
CA GLY A 101 -10.46 -14.91 11.54
C GLY A 101 -9.54 -14.34 10.48
N LEU A 102 -8.53 -15.10 10.13
CA LEU A 102 -7.58 -14.68 9.11
C LEU A 102 -8.27 -14.47 7.77
N ASP A 103 -9.14 -15.40 7.39
CA ASP A 103 -9.82 -15.32 6.13
C ASP A 103 -10.66 -14.05 6.07
N ARG A 104 -11.36 -13.74 7.15
CA ARG A 104 -12.17 -12.52 7.20
C ARG A 104 -11.31 -11.25 7.04
N SER A 105 -10.11 -11.26 7.62
CA SER A 105 -9.18 -10.13 7.42
CA SER A 105 -9.16 -10.14 7.44
C SER A 105 -8.77 -9.98 5.96
N ILE A 106 -8.52 -11.11 5.30
CA ILE A 106 -8.17 -11.09 3.89
C ILE A 106 -9.33 -10.55 3.05
N ALA A 107 -10.53 -11.00 3.35
CA ALA A 107 -11.71 -10.53 2.64
C ALA A 107 -11.86 -9.02 2.83
N ALA A 108 -11.69 -8.54 4.05
CA ALA A 108 -11.81 -7.13 4.36
C ALA A 108 -10.79 -6.28 3.60
N GLY A 109 -9.54 -6.73 3.59
CA GLY A 109 -8.50 -6.12 2.75
C GLY A 109 -8.87 -6.07 1.28
N ALA A 110 -9.26 -7.22 0.73
CA ALA A 110 -9.77 -7.35 -0.66
C ALA A 110 -10.90 -6.35 -0.94
N ALA A 111 -11.79 -6.17 0.03
CA ALA A 111 -12.93 -5.27 -0.10
C ALA A 111 -12.51 -3.82 -0.21
N GLY A 112 -11.44 -3.48 0.48
CA GLY A 112 -10.91 -2.11 0.46
C GLY A 112 -10.23 -1.83 -0.87
N HIS A 113 -9.27 -2.66 -1.23
CA HIS A 113 -8.52 -2.46 -2.47
C HIS A 113 -9.44 -2.54 -3.66
N SER A 114 -10.35 -3.50 -3.66
CA SER A 114 -11.27 -3.64 -4.77
C SER A 114 -12.37 -2.57 -4.81
N GLY A 115 -12.83 -2.05 -3.66
CA GLY A 115 -13.73 -0.91 -3.61
C GLY A 115 -13.10 0.32 -4.28
N HIS A 116 -11.84 0.55 -3.94
CA HIS A 116 -11.00 1.59 -4.55
C HIS A 116 -10.96 1.43 -6.07
N ALA A 117 -10.65 0.22 -6.53
CA ALA A 117 -10.57 -0.07 -7.95
C ALA A 117 -11.93 0.13 -8.64
N LYS A 118 -12.99 -0.34 -8.01
CA LYS A 118 -14.35 -0.20 -8.53
C LYS A 118 -14.72 1.26 -8.72
N HIS A 119 -14.33 2.07 -7.74
CA HIS A 119 -14.55 3.51 -7.78
CA HIS A 119 -14.51 3.53 -7.75
C HIS A 119 -13.87 4.12 -9.01
N LEU A 120 -12.61 3.74 -9.26
CA LEU A 120 -11.89 4.17 -10.44
C LEU A 120 -12.54 3.68 -11.74
N ALA A 121 -13.07 2.46 -11.75
CA ALA A 121 -13.74 1.88 -12.93
C ALA A 121 -14.98 2.68 -13.30
N HIS A 122 -15.77 3.04 -12.29
CA HIS A 122 -16.96 3.86 -12.52
C HIS A 122 -16.59 5.24 -13.01
N THR A 123 -15.50 5.80 -12.46
CA THR A 123 -15.05 7.13 -12.86
C THR A 123 -14.60 7.15 -14.32
N LEU A 124 -13.83 6.14 -14.71
CA LEU A 124 -13.41 6.01 -16.11
C LEU A 124 -14.62 5.90 -17.02
N LYS A 125 -15.58 5.05 -16.64
CA LYS A 125 -16.80 4.89 -17.43
C LYS A 125 -17.51 6.22 -17.58
N LYS A 126 -17.70 6.94 -16.47
CA LYS A 126 -18.39 8.22 -16.51
C LYS A 126 -17.65 9.19 -17.42
N ALA A 127 -16.33 9.21 -17.29
CA ALA A 127 -15.49 10.14 -18.03
C ALA A 127 -15.72 9.96 -19.53
N VAL A 128 -15.65 8.73 -20.01
CA VAL A 128 -15.73 8.48 -21.45
C VAL A 128 -17.16 8.48 -22.00
N GLN A 129 -18.15 8.43 -21.11
CA GLN A 129 -19.56 8.62 -21.46
C GLN A 129 -20.00 10.08 -21.37
N GLY A 130 -19.07 11.00 -21.09
CA GLY A 130 -19.39 12.43 -21.03
C GLY A 130 -20.07 12.93 -19.75
N LYS A 131 -19.98 12.15 -18.67
CA LYS A 131 -20.70 12.44 -17.44
C LYS A 131 -19.81 13.05 -16.34
N ALA A 132 -18.51 13.09 -16.59
CA ALA A 132 -17.54 13.57 -15.61
C ALA A 132 -16.36 14.20 -16.35
N ALA A 133 -16.57 15.42 -16.84
CA ALA A 133 -15.63 16.10 -17.72
C ALA A 133 -14.31 16.49 -17.05
N SER A 134 -14.28 16.45 -15.71
CA SER A 134 -13.03 16.67 -14.96
C SER A 134 -12.04 15.53 -15.12
N TYR A 135 -12.50 14.41 -15.66
CA TYR A 135 -11.70 13.22 -15.85
C TYR A 135 -11.61 12.86 -17.33
N MET A 136 -10.53 12.19 -17.69
CA MET A 136 -10.23 11.93 -19.06
C MET A 136 -9.17 10.84 -19.16
N ILE A 137 -8.97 10.34 -20.37
CA ILE A 137 -7.89 9.42 -20.66
C ILE A 137 -6.60 10.25 -20.77
N LYS A 138 -5.75 10.19 -19.74
CA LYS A 138 -4.50 10.90 -19.77
C LYS A 138 -3.38 10.05 -20.33
N ASP A 139 -3.43 8.74 -20.06
CA ASP A 139 -2.40 7.84 -20.58
C ASP A 139 -2.99 6.88 -21.61
N ARG A 140 -2.94 7.31 -22.86
CA ARG A 140 -3.50 6.57 -23.96
C ARG A 140 -2.73 5.26 -24.22
N THR A 141 -1.41 5.30 -24.06
CA THR A 141 -0.56 4.13 -24.27
C THR A 141 -0.90 3.06 -23.24
N LYS A 142 -1.06 3.49 -21.98
CA LYS A 142 -1.46 2.57 -20.89
C LYS A 142 -2.83 1.95 -21.21
N LEU A 143 -3.77 2.79 -21.60
CA LEU A 143 -5.11 2.32 -21.97
C LEU A 143 -5.00 1.23 -23.02
N HIS A 144 -4.25 1.49 -24.10
CA HIS A 144 -4.11 0.50 -25.18
C HIS A 144 -3.40 -0.78 -24.76
N SER A 145 -2.39 -0.68 -23.92
CA SER A 145 -1.65 -1.86 -23.49
C SER A 145 -2.50 -2.74 -22.58
N ILE A 146 -3.27 -2.11 -21.70
CA ILE A 146 -4.22 -2.83 -20.84
C ILE A 146 -5.29 -3.53 -21.69
N ALA A 147 -5.85 -2.80 -22.65
CA ALA A 147 -6.83 -3.36 -23.58
C ALA A 147 -6.27 -4.62 -24.26
N LYS A 148 -5.03 -4.51 -24.75
CA LYS A 148 -4.34 -5.63 -25.40
C LYS A 148 -4.12 -6.82 -24.45
N ARG A 149 -3.71 -6.52 -23.22
CA ARG A 149 -3.53 -7.57 -22.21
C ARG A 149 -4.84 -8.28 -21.87
N LEU A 150 -5.94 -7.54 -21.88
CA LEU A 150 -7.27 -8.11 -21.58
C LEU A 150 -7.92 -8.80 -22.79
N GLY A 151 -7.32 -8.65 -23.97
CA GLY A 151 -7.89 -9.21 -25.19
C GLY A 151 -8.93 -8.31 -25.84
N ILE A 152 -8.96 -7.04 -25.45
CA ILE A 152 -9.91 -6.08 -26.01
C ILE A 152 -9.32 -5.46 -27.30
N PRO A 153 -10.02 -5.63 -28.43
CA PRO A 153 -9.47 -5.05 -29.66
C PRO A 153 -9.44 -3.52 -29.63
N THR A 154 -8.35 -2.96 -30.16
CA THR A 154 -8.12 -1.51 -30.23
C THR A 154 -8.09 -1.04 -31.70
N GLU A 155 -7.52 -1.89 -32.56
CA GLU A 155 -7.45 -1.67 -34.01
C GLU A 155 -8.73 -1.07 -34.58
N GLY A 156 -8.64 0.19 -35.03
CA GLY A 156 -9.77 0.92 -35.61
C GLY A 156 -10.86 1.31 -34.61
N GLN A 157 -10.53 1.33 -33.32
CA GLN A 157 -11.48 1.72 -32.29
C GLN A 157 -11.14 3.09 -31.72
N LYS A 158 -12.18 3.87 -31.41
CA LYS A 158 -12.03 5.11 -30.66
C LYS A 158 -11.48 4.82 -29.26
N ASP A 159 -10.61 5.70 -28.77
CA ASP A 159 -10.11 5.56 -27.39
C ASP A 159 -11.22 5.49 -26.36
N GLU A 160 -12.25 6.31 -26.53
CA GLU A 160 -13.38 6.34 -25.61
C GLU A 160 -14.08 4.99 -25.54
N ASP A 161 -14.16 4.30 -26.69
CA ASP A 161 -14.81 3.00 -26.77
C ASP A 161 -13.92 1.90 -26.18
N ILE A 162 -12.62 1.98 -26.43
CA ILE A 162 -11.66 1.06 -25.83
C ILE A 162 -11.73 1.19 -24.31
N ALA A 163 -11.73 2.44 -23.85
CA ALA A 163 -11.78 2.75 -22.44
C ALA A 163 -13.09 2.27 -21.83
N LEU A 164 -14.19 2.42 -22.57
CA LEU A 164 -15.47 1.91 -22.10
C LEU A 164 -15.39 0.40 -21.89
N GLU A 165 -14.76 -0.28 -22.85
CA GLU A 165 -14.60 -1.73 -22.77
C GLU A 165 -13.68 -2.17 -21.63
N VAL A 166 -12.61 -1.42 -21.41
CA VAL A 166 -11.73 -1.67 -20.26
C VAL A 166 -12.49 -1.47 -18.93
N ALA A 167 -13.23 -0.38 -18.81
CA ALA A 167 -14.04 -0.10 -17.63
C ALA A 167 -15.07 -1.20 -17.39
N LYS A 168 -15.71 -1.66 -18.46
CA LYS A 168 -16.68 -2.76 -18.34
C LYS A 168 -16.01 -4.07 -17.90
N ALA A 169 -14.84 -4.36 -18.47
CA ALA A 169 -14.08 -5.53 -18.08
C ALA A 169 -13.70 -5.49 -16.60
N ALA A 170 -13.27 -4.32 -16.15
CA ALA A 170 -12.96 -4.08 -14.76
C ALA A 170 -14.14 -4.43 -13.89
N LEU A 171 -15.27 -3.84 -14.18
CA LEU A 171 -16.48 -4.08 -13.41
C LEU A 171 -16.94 -5.55 -13.48
N ALA A 172 -16.76 -6.18 -14.64
CA ALA A 172 -17.11 -7.59 -14.82
C ALA A 172 -16.31 -8.53 -13.90
N ASP A 173 -15.06 -8.19 -13.60
CA ASP A 173 -14.20 -9.01 -12.73
C ASP A 173 -14.70 -9.10 -11.27
N PHE A 174 -15.69 -8.28 -10.90
CA PHE A 174 -16.25 -8.31 -9.53
C PHE A 174 -17.22 -9.47 -9.29
N HIS A 175 -17.70 -10.06 -10.38
CA HIS A 175 -18.74 -11.09 -10.32
C HIS A 175 -18.40 -12.29 -11.19
N GLU A 176 -19.10 -13.39 -10.97
CA GLU A 176 -18.96 -14.55 -11.84
C GLU A 176 -19.34 -14.22 -13.29
N LYS A 177 -18.64 -14.86 -14.21
CA LYS A 177 -18.89 -14.74 -15.63
C LYS A 177 -18.21 -15.93 -16.29
N ASP A 178 -18.05 -15.91 -17.61
CA ASP A 178 -17.55 -17.08 -18.34
CA ASP A 178 -17.55 -17.11 -18.31
C ASP A 178 -16.03 -17.19 -18.28
N THR A 179 -15.39 -16.16 -17.75
CA THR A 179 -13.95 -16.12 -17.55
C THR A 179 -13.69 -15.89 -16.06
N PRO A 180 -12.53 -16.35 -15.55
CA PRO A 180 -12.14 -16.00 -14.18
C PRO A 180 -11.74 -14.53 -14.14
N VAL A 181 -11.21 -14.10 -13.00
CA VAL A 181 -10.78 -12.72 -12.83
C VAL A 181 -9.57 -12.45 -13.74
N LEU A 182 -9.80 -11.66 -14.78
CA LEU A 182 -8.77 -11.32 -15.76
C LEU A 182 -7.63 -10.50 -15.15
N TRP A 183 -7.94 -9.67 -14.16
CA TRP A 183 -6.89 -8.95 -13.43
C TRP A 183 -6.06 -9.84 -12.48
N VAL A 184 -6.33 -11.15 -12.48
CA VAL A 184 -5.37 -12.15 -12.03
C VAL A 184 -4.76 -12.93 -13.23
N THR A 185 -5.60 -13.52 -14.07
CA THR A 185 -5.12 -14.48 -15.09
C THR A 185 -4.30 -13.85 -16.20
N THR A 186 -4.48 -12.55 -16.44
CA THR A 186 -3.73 -11.90 -17.50
C THR A 186 -2.52 -11.13 -16.98
N VAL A 187 -2.27 -11.13 -15.66
CA VAL A 187 -1.14 -10.37 -15.11
C VAL A 187 -0.02 -11.26 -14.52
N LEU A 188 -0.30 -12.55 -14.37
CA LEU A 188 0.68 -13.51 -13.89
C LEU A 188 1.06 -14.42 -15.04
N PRO A 189 2.30 -14.93 -15.04
CA PRO A 189 2.68 -15.82 -16.15
C PRO A 189 1.79 -17.04 -16.22
N PRO A 190 1.59 -17.58 -17.43
CA PRO A 190 0.81 -18.81 -17.56
C PRO A 190 1.20 -19.94 -16.61
N SER A 191 2.50 -20.12 -16.38
CA SER A 191 2.93 -21.22 -15.50
C SER A 191 2.40 -21.03 -14.09
N ARG A 192 2.42 -19.78 -13.63
CA ARG A 192 1.89 -19.42 -12.31
C ARG A 192 0.38 -19.61 -12.26
N VAL A 193 -0.33 -19.11 -13.27
CA VAL A 193 -1.78 -19.31 -13.35
C VAL A 193 -2.12 -20.81 -13.34
N LYS A 194 -1.33 -21.63 -14.02
CA LYS A 194 -1.54 -23.06 -14.02
C LYS A 194 -1.40 -23.69 -12.64
N VAL A 195 -0.33 -23.37 -11.93
CA VAL A 195 -0.12 -23.86 -10.56
C VAL A 195 -1.31 -23.47 -9.67
N LEU A 196 -1.73 -22.21 -9.77
CA LEU A 196 -2.83 -21.69 -8.95
C LEU A 196 -4.16 -22.35 -9.31
N SER A 197 -4.42 -22.51 -10.61
CA SER A 197 -5.62 -23.20 -11.10
CA SER A 197 -5.64 -23.18 -11.08
C SER A 197 -5.69 -24.63 -10.61
N ALA A 198 -4.55 -25.30 -10.57
CA ALA A 198 -4.46 -26.70 -10.13
C ALA A 198 -4.94 -26.87 -8.69
N HIS A 199 -4.70 -25.85 -7.87
CA HIS A 199 -5.13 -25.85 -6.48
C HIS A 199 -6.47 -25.15 -6.26
N GLY A 200 -7.13 -24.76 -7.35
CA GLY A 200 -8.42 -24.09 -7.26
C GLY A 200 -8.35 -22.68 -6.70
N LEU A 201 -7.20 -22.02 -6.88
CA LEU A 201 -6.98 -20.72 -6.25
C LEU A 201 -7.31 -19.50 -7.10
N ILE A 202 -7.61 -19.67 -8.39
CA ILE A 202 -7.94 -18.52 -9.22
C ILE A 202 -9.35 -18.01 -8.85
N PRO A 203 -9.46 -16.71 -8.46
CA PRO A 203 -10.76 -16.14 -8.12
C PRO A 203 -11.75 -16.13 -9.27
N ALA A 204 -13.02 -16.38 -8.96
CA ALA A 204 -14.10 -16.38 -9.94
C ALA A 204 -14.64 -14.96 -10.18
N GLY A 205 -14.57 -14.14 -9.13
CA GLY A 205 -15.05 -12.76 -9.17
C GLY A 205 -14.61 -12.14 -7.87
N ILE A 206 -14.27 -10.86 -7.89
CA ILE A 206 -13.71 -10.21 -6.70
C ILE A 206 -14.72 -10.19 -5.55
N ASP A 207 -15.90 -9.60 -5.77
CA ASP A 207 -16.89 -9.56 -4.69
C ASP A 207 -17.48 -10.95 -4.40
N HIS A 208 -17.51 -11.79 -5.42
CA HIS A 208 -17.88 -13.18 -5.25
C HIS A 208 -17.03 -13.86 -4.18
N GLU A 209 -15.71 -13.71 -4.30
CA GLU A 209 -14.79 -14.34 -3.35
C GLU A 209 -14.94 -13.74 -1.97
N ILE A 210 -15.11 -12.43 -1.90
CA ILE A 210 -15.30 -11.75 -0.62
C ILE A 210 -16.51 -12.31 0.09
N ALA A 211 -17.63 -12.39 -0.64
CA ALA A 211 -18.86 -12.97 -0.12
C ALA A 211 -18.68 -14.44 0.27
N GLU A 212 -17.98 -15.21 -0.56
CA GLU A 212 -17.77 -16.62 -0.23
C GLU A 212 -16.94 -16.80 1.03
N ILE A 213 -15.95 -15.94 1.26
CA ILE A 213 -15.19 -16.01 2.50
C ILE A 213 -16.11 -15.77 3.71
N MET A 214 -16.92 -14.72 3.65
CA MET A 214 -17.82 -14.37 4.75
C MET A 214 -18.81 -15.49 5.05
N HIS A 215 -19.26 -16.16 4.00
CA HIS A 215 -20.14 -17.31 4.12
C HIS A 215 -19.40 -18.46 4.76
N ARG A 216 -18.30 -18.87 4.16
CA ARG A 216 -17.63 -20.09 4.59
C ARG A 216 -17.06 -19.98 6.01
N THR A 217 -16.81 -18.77 6.48
CA THR A 217 -16.28 -18.52 7.81
C THR A 217 -17.38 -18.25 8.83
N SER A 218 -18.63 -18.16 8.38
CA SER A 218 -19.75 -17.99 9.29
C SER A 218 -19.98 -19.32 10.01
N MET A 219 -20.78 -19.29 11.05
CA MET A 219 -20.91 -20.44 11.90
C MET A 219 -21.45 -21.68 11.18
N GLY A 220 -20.85 -22.82 11.47
CA GLY A 220 -21.31 -24.09 10.98
C GLY A 220 -21.10 -24.34 9.51
N CYS A 221 -20.07 -23.72 8.96
CA CYS A 221 -19.72 -23.84 7.55
C CYS A 221 -18.34 -24.48 7.47
N ASP A 222 -17.39 -23.82 6.82
CA ASP A 222 -16.07 -24.42 6.64
C ASP A 222 -15.32 -24.57 7.98
N ALA A 223 -14.80 -25.77 8.19
CA ALA A 223 -14.25 -26.19 9.47
C ALA A 223 -13.09 -27.16 9.24
N ASP A 224 -12.26 -26.84 8.26
CA ASP A 224 -11.04 -27.54 7.96
C ASP A 224 -10.00 -26.47 7.69
N ALA A 225 -8.89 -26.46 8.44
CA ALA A 225 -7.94 -25.37 8.34
C ALA A 225 -7.36 -25.24 6.93
N GLN A 226 -6.92 -26.35 6.35
CA GLN A 226 -6.36 -26.30 5.00
CA GLN A 226 -6.35 -26.30 5.00
C GLN A 226 -7.37 -25.75 4.00
N ASN A 227 -8.61 -26.24 4.07
CA ASN A 227 -9.64 -25.77 3.16
C ASN A 227 -9.92 -24.26 3.33
N LEU A 228 -10.02 -23.83 4.57
CA LEU A 228 -10.26 -22.44 4.88
C LEU A 228 -9.12 -21.57 4.34
N LEU A 229 -7.89 -22.03 4.54
CA LEU A 229 -6.70 -21.27 4.16
C LEU A 229 -6.56 -21.20 2.65
N LEU A 230 -6.91 -22.28 1.95
CA LEU A 230 -6.96 -22.21 0.50
C LEU A 230 -7.97 -21.14 0.01
N GLY A 231 -9.13 -21.07 0.65
CA GLY A 231 -10.09 -20.01 0.37
C GLY A 231 -9.49 -18.65 0.57
N GLY A 232 -8.74 -18.52 1.65
CA GLY A 232 -7.97 -17.30 1.93
C GLY A 232 -6.99 -16.94 0.82
N LEU A 233 -6.23 -17.92 0.35
CA LEU A 233 -5.27 -17.66 -0.74
C LEU A 233 -6.00 -17.14 -1.98
N ARG A 234 -7.09 -17.80 -2.32
CA ARG A 234 -7.92 -17.37 -3.44
C ARG A 234 -8.49 -15.95 -3.22
N CYS A 235 -8.99 -15.65 -2.03
CA CYS A 235 -9.48 -14.31 -1.78
C CYS A 235 -8.34 -13.27 -1.85
N SER A 236 -7.13 -13.68 -1.47
CA SER A 236 -5.97 -12.79 -1.55
C SER A 236 -5.67 -12.44 -3.01
N LEU A 237 -5.89 -13.38 -3.92
CA LEU A 237 -5.73 -13.09 -5.35
C LEU A 237 -6.80 -12.14 -5.87
N ALA A 238 -7.99 -12.18 -5.28
CA ALA A 238 -9.03 -11.18 -5.55
C ALA A 238 -8.57 -9.79 -5.08
N ASP A 239 -7.86 -9.75 -3.96
CA ASP A 239 -7.22 -8.49 -3.52
C ASP A 239 -6.16 -8.01 -4.51
N LEU A 240 -5.31 -8.93 -4.95
CA LEU A 240 -4.29 -8.61 -5.98
C LEU A 240 -4.96 -8.01 -7.20
N ALA A 241 -6.02 -8.63 -7.68
CA ALA A 241 -6.75 -8.11 -8.84
C ALA A 241 -7.26 -6.69 -8.60
N GLY A 242 -7.83 -6.43 -7.43
CA GLY A 242 -8.26 -5.07 -7.07
C GLY A 242 -7.09 -4.09 -7.07
N CYS A 243 -5.97 -4.52 -6.52
CA CYS A 243 -4.78 -3.66 -6.52
C CYS A 243 -4.32 -3.33 -7.94
N TYR A 244 -4.20 -4.36 -8.76
CA TYR A 244 -3.70 -4.21 -10.11
C TYR A 244 -4.69 -3.41 -10.96
N MET A 245 -5.99 -3.67 -10.81
CA MET A 245 -7.02 -2.90 -11.47
C MET A 245 -6.95 -1.42 -11.07
N GLY A 246 -6.80 -1.15 -9.78
CA GLY A 246 -6.68 0.20 -9.26
C GLY A 246 -5.51 0.94 -9.88
N THR A 247 -4.36 0.27 -9.95
CA THR A 247 -3.16 0.90 -10.54
C THR A 247 -3.38 1.16 -12.02
N ASP A 248 -3.91 0.15 -12.71
CA ASP A 248 -4.18 0.28 -14.16
C ASP A 248 -5.09 1.47 -14.45
N LEU A 249 -6.20 1.53 -13.73
CA LEU A 249 -7.22 2.56 -13.97
C LEU A 249 -6.71 3.94 -13.56
N ALA A 250 -6.00 4.03 -12.43
CA ALA A 250 -5.46 5.31 -11.99
C ALA A 250 -4.45 5.86 -13.01
N ASP A 251 -3.63 4.96 -13.55
CA ASP A 251 -2.67 5.32 -14.62
C ASP A 251 -3.34 5.85 -15.89
N ILE A 252 -4.37 5.15 -16.38
CA ILE A 252 -5.13 5.62 -17.51
C ILE A 252 -5.65 7.03 -17.22
N LEU A 253 -6.25 7.22 -16.04
CA LEU A 253 -6.95 8.45 -15.73
C LEU A 253 -6.02 9.61 -15.41
N PHE A 254 -4.93 9.31 -14.73
CA PHE A 254 -4.13 10.36 -14.07
C PHE A 254 -2.68 10.41 -14.52
N GLY A 255 -2.27 9.40 -15.29
CA GLY A 255 -0.94 9.30 -15.89
C GLY A 255 -0.08 8.27 -15.20
N THR A 256 0.73 7.54 -15.96
CA THR A 256 1.64 6.58 -15.38
C THR A 256 2.81 7.34 -14.80
N PRO A 257 3.15 7.09 -13.52
CA PRO A 257 4.28 7.83 -12.92
C PRO A 257 5.60 7.68 -13.65
N ALA A 258 6.38 8.75 -13.62
CA ALA A 258 7.77 8.73 -14.04
C ALA A 258 8.60 9.41 -12.97
N PRO A 259 9.93 9.23 -13.03
CA PRO A 259 10.76 9.77 -11.95
C PRO A 259 10.49 11.25 -11.69
N VAL A 260 10.36 11.56 -10.42
CA VAL A 260 10.03 12.89 -9.95
C VAL A 260 10.81 13.17 -8.68
N VAL A 261 11.11 14.42 -8.43
CA VAL A 261 11.84 14.81 -7.24
C VAL A 261 10.90 15.64 -6.38
N THR A 262 10.85 15.32 -5.10
CA THR A 262 10.06 16.08 -4.17
C THR A 262 10.67 16.00 -2.77
N GLU A 263 9.86 16.24 -1.74
CA GLU A 263 10.33 16.19 -0.36
C GLU A 263 9.32 15.47 0.51
N SER A 264 9.77 15.08 1.70
CA SER A 264 8.91 14.42 2.67
C SER A 264 9.17 14.86 4.10
N ASN A 265 8.18 14.60 4.95
CA ASN A 265 8.14 14.90 6.39
C ASN A 265 7.46 16.24 6.67
N LEU A 266 7.21 16.49 7.96
CA LEU A 266 6.40 17.60 8.44
C LEU A 266 6.90 18.97 7.98
N GLY A 267 8.20 19.08 7.72
CA GLY A 267 8.82 20.30 7.25
C GLY A 267 8.35 20.80 5.90
N VAL A 268 7.63 19.95 5.15
CA VAL A 268 7.00 20.36 3.88
C VAL A 268 5.75 21.24 4.07
N LEU A 269 5.23 21.28 5.29
CA LEU A 269 4.20 22.25 5.66
C LEU A 269 4.79 23.65 5.72
N LYS A 270 3.97 24.65 5.38
CA LYS A 270 4.43 26.03 5.29
C LYS A 270 3.49 26.95 6.04
N ALA A 271 4.00 27.58 7.09
CA ALA A 271 3.19 28.41 7.97
C ALA A 271 2.45 29.49 7.21
N ASP A 272 3.05 30.02 6.14
CA ASP A 272 2.42 31.10 5.36
C ASP A 272 1.55 30.66 4.17
N ALA A 273 1.33 29.36 4.03
CA ALA A 273 0.47 28.82 3.00
C ALA A 273 -0.79 28.22 3.64
N VAL A 274 -1.82 28.04 2.82
CA VAL A 274 -2.95 27.17 3.19
C VAL A 274 -2.46 25.74 3.02
N ASN A 275 -2.26 25.06 4.14
CA ASN A 275 -1.79 23.68 4.09
C ASN A 275 -2.97 22.73 4.08
N VAL A 276 -3.04 21.95 3.01
CA VAL A 276 -4.12 21.01 2.77
C VAL A 276 -3.53 19.63 2.61
N ALA A 277 -3.89 18.71 3.51
CA ALA A 277 -3.45 17.32 3.39
C ALA A 277 -4.51 16.54 2.63
N VAL A 278 -4.07 15.79 1.64
CA VAL A 278 -4.92 14.76 1.03
C VAL A 278 -4.56 13.46 1.74
N HIS A 279 -5.59 12.79 2.26
CA HIS A 279 -5.41 11.63 3.13
C HIS A 279 -6.47 10.61 2.80
N GLY A 280 -6.07 9.36 2.83
CA GLY A 280 -6.91 8.26 2.36
C GLY A 280 -6.21 7.55 1.22
N HIS A 281 -6.97 7.20 0.17
CA HIS A 281 -6.47 6.29 -0.88
C HIS A 281 -6.69 6.60 -2.34
N ASN A 282 -7.83 7.18 -2.69
CA ASN A 282 -8.26 7.24 -4.09
CA ASN A 282 -8.19 7.23 -4.10
C ASN A 282 -7.80 8.51 -4.84
N PRO A 283 -6.99 8.35 -5.90
CA PRO A 283 -6.59 9.56 -6.65
C PRO A 283 -7.76 10.32 -7.35
N VAL A 284 -8.91 9.65 -7.52
CA VAL A 284 -10.10 10.28 -8.10
C VAL A 284 -10.38 11.60 -7.40
N LEU A 285 -10.16 11.61 -6.09
CA LEU A 285 -10.31 12.81 -5.28
C LEU A 285 -9.06 13.68 -5.26
N SER A 286 -7.95 13.13 -4.74
CA SER A 286 -6.73 13.93 -4.52
C SER A 286 -6.18 14.54 -5.80
N ASP A 287 -6.33 13.84 -6.92
CA ASP A 287 -5.75 14.34 -8.17
C ASP A 287 -6.43 15.63 -8.57
N ILE A 288 -7.74 15.70 -8.35
CA ILE A 288 -8.52 16.90 -8.65
C ILE A 288 -8.18 17.98 -7.64
N ILE A 289 -8.07 17.60 -6.37
CA ILE A 289 -7.65 18.58 -5.35
C ILE A 289 -6.36 19.26 -5.83
N VAL A 290 -5.40 18.48 -6.32
CA VAL A 290 -4.11 19.01 -6.72
C VAL A 290 -4.24 20.02 -7.86
N SER A 291 -4.95 19.64 -8.91
CA SER A 291 -5.11 20.52 -10.06
C SER A 291 -5.96 21.75 -9.74
N VAL A 292 -7.04 21.58 -8.98
CA VAL A 292 -7.90 22.72 -8.63
C VAL A 292 -7.16 23.68 -7.69
N SER A 293 -6.38 23.15 -6.74
CA SER A 293 -5.60 23.99 -5.82
CA SER A 293 -5.60 23.98 -5.83
C SER A 293 -4.73 25.00 -6.57
N LYS A 294 -4.14 24.57 -7.69
CA LYS A 294 -3.30 25.45 -8.52
C LYS A 294 -4.12 26.58 -9.13
N GLU A 295 -5.33 26.23 -9.57
CA GLU A 295 -6.28 27.19 -10.11
C GLU A 295 -6.74 28.25 -9.07
N MET A 296 -6.71 27.89 -7.79
CA MET A 296 -7.17 28.77 -6.71
C MET A 296 -6.08 29.54 -5.97
N GLU A 297 -4.86 29.53 -6.51
CA GLU A 297 -3.73 30.27 -5.93
C GLU A 297 -4.07 31.72 -5.58
N ASN A 298 -4.72 32.42 -6.51
CA ASN A 298 -4.97 33.84 -6.34
C ASN A 298 -6.02 34.10 -5.27
N GLU A 299 -7.05 33.26 -5.22
CA GLU A 299 -7.98 33.26 -4.09
C GLU A 299 -7.29 33.07 -2.76
N ALA A 300 -6.37 32.12 -2.70
CA ALA A 300 -5.63 31.86 -1.48
C ALA A 300 -4.80 33.08 -1.09
N ARG A 301 -4.14 33.69 -2.08
CA ARG A 301 -3.35 34.89 -1.83
C ARG A 301 -4.23 36.08 -1.44
N ALA A 302 -5.42 36.15 -2.03
CA ALA A 302 -6.43 37.12 -1.59
C ALA A 302 -6.71 37.00 -0.09
N ALA A 303 -6.61 35.77 0.44
CA ALA A 303 -6.85 35.49 1.87
C ALA A 303 -5.61 35.66 2.74
N GLY A 304 -4.52 36.16 2.15
CA GLY A 304 -3.29 36.41 2.90
C GLY A 304 -2.30 35.25 2.94
N ALA A 305 -2.56 34.19 2.16
CA ALA A 305 -1.64 33.06 2.05
C ALA A 305 -0.74 33.22 0.84
N THR A 306 0.37 32.48 0.82
CA THR A 306 1.25 32.48 -0.35
C THR A 306 0.62 31.69 -1.48
N GLY A 307 -0.22 30.73 -1.12
CA GLY A 307 -0.87 29.85 -2.07
C GLY A 307 -1.47 28.69 -1.30
N ILE A 308 -1.93 27.68 -2.02
CA ILE A 308 -2.40 26.44 -1.40
C ILE A 308 -1.27 25.44 -1.48
N ASN A 309 -0.86 24.93 -0.33
CA ASN A 309 0.22 23.94 -0.24
C ASN A 309 -0.39 22.56 0.01
N VAL A 310 -0.63 21.82 -1.07
CA VAL A 310 -1.16 20.46 -0.94
C VAL A 310 -0.03 19.51 -0.53
N VAL A 311 -0.29 18.74 0.51
CA VAL A 311 0.67 17.77 1.00
C VAL A 311 -0.06 16.44 1.18
N GLY A 312 0.69 15.36 1.15
CA GLY A 312 0.08 14.04 1.14
C GLY A 312 0.24 13.33 2.46
N ILE A 313 -0.78 12.57 2.81
CA ILE A 313 -0.72 11.59 3.91
C ILE A 313 -1.21 10.27 3.34
N CYS A 314 -0.53 9.19 3.73
CA CYS A 314 -0.94 7.83 3.40
C CYS A 314 -0.94 7.65 1.89
N CYS A 315 -1.73 6.69 1.38
N CYS A 315 -1.70 6.70 1.35
CA CYS A 315 -1.63 6.27 -0.02
CA CYS A 315 -1.50 6.33 -0.04
C CYS A 315 -1.98 7.35 -0.99
C CYS A 315 -2.05 7.31 -1.06
N THR A 316 -3.04 8.10 -0.69
CA THR A 316 -3.49 9.11 -1.65
CA THR A 316 -3.53 9.19 -1.56
C THR A 316 -2.40 10.18 -1.77
N GLY A 317 -1.67 10.43 -0.69
CA GLY A 317 -0.47 11.24 -0.76
C GLY A 317 0.56 10.60 -1.65
N ASN A 318 0.78 9.30 -1.50
CA ASN A 318 1.66 8.58 -2.42
C ASN A 318 1.22 8.69 -3.90
N GLU A 319 -0.07 8.66 -4.17
CA GLU A 319 -0.58 8.75 -5.54
C GLU A 319 -0.16 10.08 -6.17
N VAL A 320 -0.36 11.16 -5.43
CA VAL A 320 -0.08 12.51 -5.95
C VAL A 320 1.41 12.84 -5.87
N LEU A 321 2.12 12.18 -4.97
CA LEU A 321 3.59 12.28 -4.96
C LEU A 321 4.15 11.61 -6.23
N MET A 322 3.68 10.40 -6.52
CA MET A 322 4.19 9.65 -7.67
C MET A 322 3.92 10.36 -9.00
N ARG A 323 2.75 10.96 -9.15
CA ARG A 323 2.36 11.56 -10.43
C ARG A 323 2.74 13.02 -10.57
N HIS A 324 2.72 13.76 -9.47
CA HIS A 324 2.85 15.21 -9.51
C HIS A 324 3.93 15.76 -8.65
N GLY A 325 4.62 14.93 -7.88
CA GLY A 325 5.66 15.45 -7.00
C GLY A 325 5.14 16.22 -5.79
N ILE A 326 3.88 16.01 -5.43
CA ILE A 326 3.32 16.59 -4.22
C ILE A 326 4.10 16.05 -3.01
N PRO A 327 4.61 16.96 -2.15
CA PRO A 327 5.43 16.43 -1.06
C PRO A 327 4.59 15.67 -0.02
N ALA A 328 5.17 14.62 0.52
CA ALA A 328 4.57 13.82 1.57
C ALA A 328 4.78 14.45 2.95
N CYS A 329 3.68 14.67 3.65
CA CYS A 329 3.72 15.25 4.98
C CYS A 329 4.09 14.19 6.01
N THR A 330 3.31 13.12 6.07
CA THR A 330 3.60 12.02 6.96
C THR A 330 2.77 10.81 6.54
N HIS A 331 2.85 9.75 7.37
CA HIS A 331 2.25 8.46 7.04
C HIS A 331 1.71 7.73 8.25
N SER A 332 0.68 6.93 7.99
CA SER A 332 0.24 5.89 8.86
C SER A 332 0.12 6.34 10.32
N VAL A 333 0.84 5.66 11.19
CA VAL A 333 0.68 5.83 12.62
C VAL A 333 0.84 7.28 13.09
N SER A 334 1.68 8.07 12.43
CA SER A 334 1.96 9.45 12.89
C SER A 334 1.09 10.53 12.26
N GLN A 335 0.03 10.13 11.56
CA GLN A 335 -0.81 11.09 10.84
C GLN A 335 -1.36 12.22 11.69
N GLU A 336 -1.66 11.96 12.95
CA GLU A 336 -2.16 13.02 13.83
C GLU A 336 -1.15 14.15 14.01
N MET A 337 0.14 13.83 13.90
CA MET A 337 1.21 14.79 14.14
C MET A 337 1.20 15.96 13.16
N ALA A 338 0.71 15.75 11.94
CA ALA A 338 0.58 16.84 10.97
C ALA A 338 -0.33 17.93 11.55
N MET A 339 -1.38 17.49 12.25
CA MET A 339 -2.35 18.40 12.86
C MET A 339 -1.76 19.16 14.05
N ILE A 340 -0.93 18.47 14.82
CA ILE A 340 -0.37 19.02 16.04
C ILE A 340 0.52 20.25 15.76
N THR A 341 1.07 20.34 14.55
CA THR A 341 1.84 21.51 14.13
C THR A 341 1.07 22.81 14.33
N GLY A 342 -0.24 22.77 14.15
CA GLY A 342 -1.08 23.98 14.21
C GLY A 342 -1.26 24.61 12.84
N ALA A 343 -0.55 24.11 11.84
CA ALA A 343 -0.55 24.69 10.49
C ALA A 343 -1.36 23.94 9.46
N LEU A 344 -2.02 22.84 9.86
CA LEU A 344 -2.80 22.06 8.90
C LEU A 344 -4.20 22.62 8.85
N ASP A 345 -4.49 23.31 7.77
CA ASP A 345 -5.74 24.01 7.63
C ASP A 345 -6.86 23.08 7.24
N ALA A 346 -6.54 22.08 6.42
CA ALA A 346 -7.53 21.09 6.07
C ALA A 346 -6.91 19.72 5.89
N MET A 347 -7.71 18.71 6.20
CA MET A 347 -7.37 17.32 5.97
C MET A 347 -8.55 16.75 5.17
N ILE A 348 -8.30 16.43 3.91
CA ILE A 348 -9.34 16.02 2.98
C ILE A 348 -9.28 14.52 2.80
N LEU A 349 -10.37 13.86 3.22
CA LEU A 349 -10.42 12.40 3.37
C LEU A 349 -11.33 11.74 2.35
N ASP A 350 -10.92 10.56 1.87
CA ASP A 350 -11.88 9.70 1.20
C ASP A 350 -12.13 8.44 2.04
N TYR A 351 -11.24 7.45 2.02
CA TYR A 351 -11.42 6.27 2.85
C TYR A 351 -10.11 5.54 3.11
N GLN A 352 -10.12 4.74 4.17
CA GLN A 352 -9.06 3.79 4.57
C GLN A 352 -7.87 4.43 5.25
N CYS A 353 -7.54 3.87 6.41
CA CYS A 353 -6.33 4.17 7.16
C CYS A 353 -6.34 5.53 7.85
N ILE A 354 -7.50 6.17 7.90
CA ILE A 354 -7.64 7.44 8.58
C ILE A 354 -8.04 7.17 10.04
N GLN A 355 -7.14 7.50 10.96
CA GLN A 355 -7.46 7.36 12.39
C GLN A 355 -8.64 8.26 12.70
N PRO A 356 -9.78 7.70 13.16
CA PRO A 356 -10.92 8.59 13.42
C PRO A 356 -10.69 9.64 14.52
N SER A 357 -9.64 9.44 15.33
CA SER A 357 -9.16 10.46 16.27
C SER A 357 -8.99 11.83 15.62
N VAL A 358 -8.68 11.87 14.33
CA VAL A 358 -8.44 13.16 13.68
C VAL A 358 -9.61 14.13 13.82
N ALA A 359 -10.85 13.62 13.81
CA ALA A 359 -12.06 14.46 13.94
C ALA A 359 -12.11 15.18 15.28
N THR A 360 -11.63 14.52 16.34
CA THR A 360 -11.60 15.10 17.68
CA THR A 360 -11.61 15.13 17.66
C THR A 360 -10.39 16.02 17.86
N ILE A 361 -9.25 15.58 17.35
CA ILE A 361 -8.02 16.36 17.45
C ILE A 361 -8.19 17.69 16.72
N ALA A 362 -8.95 17.68 15.63
CA ALA A 362 -9.24 18.87 14.83
C ALA A 362 -9.81 20.00 15.67
N GLU A 363 -10.62 19.65 16.67
CA GLU A 363 -11.23 20.63 17.57
C GLU A 363 -10.19 21.39 18.38
N CYS A 364 -9.10 20.72 18.74
CA CYS A 364 -7.97 21.33 19.47
C CYS A 364 -7.01 22.07 18.55
N THR A 365 -6.79 21.55 17.36
CA THR A 365 -5.75 22.08 16.48
C THR A 365 -6.28 23.10 15.47
N GLY A 366 -7.59 23.18 15.29
CA GLY A 366 -8.19 24.11 14.34
C GLY A 366 -8.35 23.60 12.91
N THR A 367 -7.82 22.41 12.66
CA THR A 367 -7.83 21.80 11.35
C THR A 367 -9.27 21.49 10.96
N THR A 368 -9.63 21.77 9.71
CA THR A 368 -10.92 21.37 9.17
C THR A 368 -10.74 20.01 8.50
N VAL A 369 -11.31 18.98 9.14
CA VAL A 369 -11.31 17.62 8.62
C VAL A 369 -12.58 17.45 7.79
N ILE A 370 -12.40 17.02 6.54
CA ILE A 370 -13.50 16.95 5.58
C ILE A 370 -13.56 15.57 4.98
N THR A 371 -14.68 14.89 5.20
CA THR A 371 -14.97 13.62 4.54
C THR A 371 -15.71 13.90 3.24
N THR A 372 -15.58 12.99 2.28
CA THR A 372 -16.12 13.19 0.95
C THR A 372 -16.88 12.00 0.36
N MET A 373 -16.78 10.84 0.99
CA MET A 373 -17.38 9.60 0.45
C MET A 373 -18.50 9.13 1.35
N GLU A 374 -19.61 8.70 0.75
CA GLU A 374 -20.82 8.37 1.48
C GLU A 374 -20.56 7.26 2.49
N MET A 375 -19.71 6.31 2.15
CA MET A 375 -19.49 5.17 3.02
C MET A 375 -18.33 5.37 3.99
N SER A 376 -17.81 6.59 4.11
CA SER A 376 -16.71 6.83 5.05
C SER A 376 -16.83 8.20 5.71
N LYS A 377 -17.66 8.26 6.73
CA LYS A 377 -17.89 9.49 7.48
C LYS A 377 -17.28 9.35 8.86
N ILE A 378 -16.98 10.48 9.49
CA ILE A 378 -16.43 10.46 10.86
C ILE A 378 -17.20 11.46 11.67
N THR A 379 -17.81 11.03 12.76
CA THR A 379 -18.59 11.95 13.59
C THR A 379 -17.74 13.16 13.99
N GLY A 380 -18.25 14.35 13.71
CA GLY A 380 -17.56 15.58 14.06
C GLY A 380 -16.80 16.20 12.91
N ALA A 381 -16.62 15.48 11.81
CA ALA A 381 -15.93 16.02 10.66
C ALA A 381 -16.95 16.68 9.76
N THR A 382 -16.53 17.60 8.91
CA THR A 382 -17.44 18.20 7.95
C THR A 382 -17.53 17.27 6.76
N HIS A 383 -18.74 17.01 6.27
CA HIS A 383 -18.90 16.17 5.11
C HIS A 383 -19.24 17.05 3.94
N VAL A 384 -18.42 16.96 2.89
CA VAL A 384 -18.70 17.62 1.64
C VAL A 384 -18.69 16.53 0.59
N ASN A 385 -19.88 16.13 0.15
CA ASN A 385 -20.01 15.10 -0.87
CA ASN A 385 -19.97 15.09 -0.86
C ASN A 385 -19.15 15.48 -2.08
N PHE A 386 -18.39 14.51 -2.57
CA PHE A 386 -17.60 14.68 -3.78
C PHE A 386 -18.18 13.76 -4.85
N ALA A 387 -18.78 14.36 -5.86
CA ALA A 387 -19.30 13.66 -7.02
C ALA A 387 -18.34 13.88 -8.17
N GLU A 388 -17.94 12.79 -8.83
CA GLU A 388 -17.03 12.87 -9.98
CA GLU A 388 -17.03 12.86 -9.96
C GLU A 388 -17.62 13.78 -11.04
N GLU A 389 -18.94 13.76 -11.13
CA GLU A 389 -19.68 14.57 -12.09
C GLU A 389 -19.51 16.07 -11.83
N ALA A 390 -19.18 16.44 -10.58
CA ALA A 390 -19.02 17.83 -10.17
C ALA A 390 -17.70 18.03 -9.42
N ALA A 391 -16.67 17.31 -9.85
CA ALA A 391 -15.41 17.20 -9.10
C ALA A 391 -14.78 18.57 -8.86
N VAL A 392 -14.69 19.38 -9.91
CA VAL A 392 -14.06 20.70 -9.78
C VAL A 392 -14.84 21.62 -8.83
N GLU A 393 -16.15 21.66 -8.99
CA GLU A 393 -17.03 22.44 -8.11
C GLU A 393 -16.87 22.00 -6.64
N ASN A 394 -16.96 20.69 -6.41
CA ASN A 394 -16.84 20.15 -5.05
C ASN A 394 -15.45 20.40 -4.47
N ALA A 395 -14.41 20.26 -5.31
CA ALA A 395 -13.04 20.58 -4.89
C ALA A 395 -12.90 22.03 -4.43
N LYS A 396 -13.49 22.95 -5.18
CA LYS A 396 -13.45 24.37 -4.82
C LYS A 396 -14.14 24.65 -3.47
N GLN A 397 -15.30 24.06 -3.28
CA GLN A 397 -16.02 24.15 -2.02
C GLN A 397 -15.15 23.70 -0.83
N ILE A 398 -14.51 22.54 -1.00
CA ILE A 398 -13.59 21.97 -0.02
C ILE A 398 -12.39 22.89 0.24
N LEU A 399 -11.76 23.37 -0.82
CA LEU A 399 -10.59 24.24 -0.68
C LEU A 399 -10.93 25.61 -0.08
N ARG A 400 -12.14 26.10 -0.30
CA ARG A 400 -12.59 27.34 0.32
C ARG A 400 -12.75 27.19 1.82
N LEU A 401 -13.23 26.03 2.28
CA LEU A 401 -13.22 25.75 3.72
C LEU A 401 -11.77 25.82 4.27
N ALA A 402 -10.82 25.28 3.51
CA ALA A 402 -9.41 25.33 3.89
C ALA A 402 -8.91 26.77 3.99
N ILE A 403 -9.23 27.60 3.00
CA ILE A 403 -8.79 29.00 3.00
C ILE A 403 -9.38 29.74 4.20
N ASP A 404 -10.66 29.54 4.47
CA ASP A 404 -11.29 30.12 5.67
C ASP A 404 -10.55 29.74 6.95
N THR A 405 -10.11 28.49 7.03
CA THR A 405 -9.40 27.99 8.21
C THR A 405 -8.03 28.64 8.33
N PHE A 406 -7.33 28.78 7.20
CA PHE A 406 -6.05 29.50 7.19
C PHE A 406 -6.23 30.88 7.81
N LYS A 407 -7.29 31.57 7.40
CA LYS A 407 -7.55 32.93 7.89
C LYS A 407 -7.77 32.94 9.40
N ARG A 408 -8.48 31.93 9.91
CA ARG A 408 -8.78 31.87 11.34
C ARG A 408 -7.53 31.68 12.20
N ARG A 409 -6.44 31.21 11.62
CA ARG A 409 -5.20 31.08 12.38
C ARG A 409 -4.21 32.19 12.12
N LYS A 410 -4.65 33.28 11.48
CA LYS A 410 -3.81 34.46 11.35
C LYS A 410 -3.30 34.86 12.75
N GLY A 411 -1.99 34.98 12.88
CA GLY A 411 -1.38 35.44 14.12
C GLY A 411 -1.10 34.37 15.15
N LYS A 412 -1.60 33.15 14.92
CA LYS A 412 -1.35 32.05 15.83
C LYS A 412 0.02 31.45 15.55
N PRO A 413 0.79 31.19 16.62
CA PRO A 413 2.07 30.54 16.36
C PRO A 413 1.83 29.11 15.89
N VAL A 414 2.67 28.63 15.00
CA VAL A 414 2.65 27.20 14.63
C VAL A 414 4.02 26.61 14.93
N GLU A 415 4.08 25.29 15.08
CA GLU A 415 5.34 24.61 15.26
C GLU A 415 5.44 23.54 14.19
N ILE A 416 6.00 23.90 13.04
CA ILE A 416 6.32 22.94 12.01
C ILE A 416 7.77 22.56 12.21
N PRO A 417 8.04 21.27 12.56
CA PRO A 417 9.44 20.84 12.62
C PRO A 417 10.14 21.12 11.31
N ASN A 418 11.34 21.69 11.36
CA ASN A 418 12.06 22.05 10.16
C ASN A 418 12.84 20.86 9.69
N ILE A 419 12.12 19.79 9.37
CA ILE A 419 12.71 18.50 9.15
C ILE A 419 12.07 17.95 7.92
N LYS A 420 12.87 17.73 6.89
CA LYS A 420 12.40 17.10 5.69
C LYS A 420 13.54 16.44 4.95
N THR A 421 13.19 15.52 4.07
CA THR A 421 14.16 14.82 3.26
C THR A 421 13.84 15.03 1.80
N LYS A 422 14.86 14.88 0.98
CA LYS A 422 14.71 14.89 -0.45
C LYS A 422 14.26 13.49 -0.84
N VAL A 423 13.28 13.44 -1.73
CA VAL A 423 12.70 12.19 -2.22
C VAL A 423 12.68 12.16 -3.75
N VAL A 424 13.37 11.20 -4.34
CA VAL A 424 13.21 10.88 -5.73
C VAL A 424 12.30 9.67 -5.76
N ALA A 425 11.23 9.75 -6.53
CA ALA A 425 10.19 8.73 -6.56
C ALA A 425 9.67 8.60 -7.99
N GLY A 426 8.49 8.02 -8.18
CA GLY A 426 7.90 7.88 -9.51
C GLY A 426 8.36 6.68 -10.29
N PHE A 427 8.86 5.66 -9.59
CA PHE A 427 9.35 4.45 -10.24
C PHE A 427 8.24 3.41 -10.44
N SER A 428 7.30 3.76 -11.32
CA SER A 428 6.43 2.77 -11.92
C SER A 428 7.27 1.70 -12.63
N THR A 429 6.65 0.57 -12.94
CA THR A 429 7.36 -0.49 -13.65
C THR A 429 7.77 0.00 -15.03
N GLU A 430 6.93 0.80 -15.66
CA GLU A 430 7.25 1.36 -16.96
C GLU A 430 8.48 2.25 -16.80
N ALA A 431 8.52 3.05 -15.74
CA ALA A 431 9.63 3.96 -15.47
C ALA A 431 10.93 3.17 -15.25
N ILE A 432 10.83 2.09 -14.50
CA ILE A 432 11.98 1.23 -14.25
C ILE A 432 12.50 0.59 -15.55
N ILE A 433 11.59 0.05 -16.34
CA ILE A 433 11.93 -0.56 -17.62
C ILE A 433 12.58 0.51 -18.51
N ASN A 434 12.01 1.71 -18.55
CA ASN A 434 12.62 2.79 -19.32
C ASN A 434 14.03 3.17 -18.87
N ALA A 435 14.23 3.23 -17.54
CA ALA A 435 15.54 3.53 -16.96
C ALA A 435 16.55 2.49 -17.39
N LEU A 436 16.14 1.23 -17.30
CA LEU A 436 16.99 0.11 -17.66
C LEU A 436 17.28 0.07 -19.16
N SER A 437 16.33 0.56 -19.95
CA SER A 437 16.47 0.53 -21.40
C SER A 437 17.60 1.43 -21.87
N LYS A 438 17.99 2.40 -21.05
CA LYS A 438 19.13 3.24 -21.39
C LYS A 438 20.43 2.45 -21.39
N LEU A 439 20.42 1.29 -20.74
CA LEU A 439 21.58 0.38 -20.72
C LEU A 439 21.46 -0.73 -21.78
N ASN A 440 20.24 -1.06 -22.17
CA ASN A 440 19.98 -2.09 -23.16
C ASN A 440 18.61 -1.81 -23.75
N ALA A 441 18.60 -1.17 -24.93
CA ALA A 441 17.37 -0.60 -25.48
C ALA A 441 16.30 -1.64 -25.77
N ASN A 442 16.69 -2.76 -26.37
CA ASN A 442 15.71 -3.77 -26.81
C ASN A 442 15.59 -4.98 -25.89
N ASP A 443 16.31 -4.95 -24.77
CA ASP A 443 16.19 -6.01 -23.75
C ASP A 443 16.40 -5.36 -22.39
N PRO A 444 15.47 -4.45 -22.00
CA PRO A 444 15.68 -3.63 -20.80
C PRO A 444 15.82 -4.41 -19.50
N LEU A 445 15.17 -5.56 -19.38
CA LEU A 445 15.33 -6.36 -18.16
C LEU A 445 16.71 -7.01 -18.06
N LYS A 446 17.38 -7.21 -19.19
CA LYS A 446 18.62 -7.96 -19.16
C LYS A 446 19.72 -7.33 -18.25
N PRO A 447 19.93 -6.01 -18.29
CA PRO A 447 20.91 -5.43 -17.37
C PRO A 447 20.64 -5.72 -15.90
N LEU A 448 19.36 -5.71 -15.52
CA LEU A 448 19.00 -6.06 -14.16
C LEU A 448 19.37 -7.50 -13.89
N ILE A 449 18.97 -8.40 -14.79
CA ILE A 449 19.27 -9.83 -14.63
C ILE A 449 20.77 -10.12 -14.68
N ASP A 450 21.49 -9.45 -15.56
CA ASP A 450 22.94 -9.59 -15.62
C ASP A 450 23.58 -9.35 -14.26
N ASN A 451 23.13 -8.28 -13.60
CA ASN A 451 23.67 -7.89 -12.30
C ASN A 451 23.19 -8.75 -11.14
N VAL A 452 22.01 -9.35 -11.29
CA VAL A 452 21.61 -10.40 -10.36
C VAL A 452 22.55 -11.58 -10.50
N VAL A 453 22.80 -12.00 -11.75
CA VAL A 453 23.64 -13.15 -12.01
C VAL A 453 25.08 -12.93 -11.53
N ASN A 454 25.65 -11.75 -11.79
CA ASN A 454 27.04 -11.48 -11.39
C ASN A 454 27.22 -11.06 -9.92
N GLY A 455 26.11 -10.93 -9.19
CA GLY A 455 26.15 -10.67 -7.76
C GLY A 455 26.14 -9.21 -7.36
N ASN A 456 26.17 -8.30 -8.34
CA ASN A 456 26.04 -6.87 -8.02
C ASN A 456 24.69 -6.57 -7.41
N ILE A 457 23.68 -7.32 -7.82
CA ILE A 457 22.37 -7.31 -7.19
C ILE A 457 22.10 -8.70 -6.60
N ARG A 458 21.99 -8.76 -5.28
CA ARG A 458 21.81 -10.05 -4.63
C ARG A 458 20.40 -10.58 -4.91
N GLY A 459 19.44 -9.68 -4.86
CA GLY A 459 18.04 -10.04 -5.07
C GLY A 459 17.23 -8.76 -4.99
N VAL A 460 15.92 -8.92 -4.88
CA VAL A 460 15.00 -7.79 -4.78
C VAL A 460 14.15 -7.96 -3.53
N CYS A 461 13.99 -6.89 -2.77
CA CYS A 461 13.06 -6.89 -1.64
C CYS A 461 12.05 -5.76 -1.78
N LEU A 462 10.76 -6.12 -1.74
CA LEU A 462 9.68 -5.16 -1.70
C LEU A 462 9.28 -4.90 -0.25
N PHE A 463 9.45 -3.67 0.22
CA PHE A 463 8.87 -3.25 1.50
C PHE A 463 7.48 -2.71 1.23
N ALA A 464 6.54 -3.16 2.03
CA ALA A 464 5.17 -2.77 1.81
C ALA A 464 4.48 -2.59 3.13
N GLY A 465 3.33 -1.93 3.03
CA GLY A 465 2.40 -1.86 4.13
C GLY A 465 2.68 -0.75 5.11
N CYS A 466 2.08 -0.90 6.28
CA CYS A 466 1.88 0.15 7.25
C CYS A 466 3.00 0.34 8.25
N ASN A 467 2.84 1.36 9.09
CA ASN A 467 3.42 1.37 10.42
C ASN A 467 2.36 0.78 11.38
N ASN A 468 2.78 0.40 12.57
CA ASN A 468 1.95 -0.21 13.60
C ASN A 468 2.45 0.31 14.94
N VAL A 469 1.54 0.84 15.75
CA VAL A 469 1.87 1.47 17.04
C VAL A 469 2.68 0.54 17.96
N LYS A 470 2.58 -0.76 17.72
CA LYS A 470 3.35 -1.72 18.51
C LYS A 470 4.86 -1.67 18.25
N VAL A 471 5.25 -1.16 17.08
CA VAL A 471 6.64 -1.12 16.66
C VAL A 471 7.10 0.33 16.64
N PRO A 472 8.21 0.64 17.32
CA PRO A 472 8.65 2.04 17.21
C PRO A 472 8.68 2.49 15.75
N GLN A 473 7.95 3.55 15.45
CA GLN A 473 7.69 3.88 14.06
C GLN A 473 8.93 3.91 13.17
N ASP A 474 8.86 3.11 12.10
CA ASP A 474 9.88 2.99 11.04
C ASP A 474 11.07 2.11 11.39
N GLN A 475 11.16 1.66 12.63
CA GLN A 475 12.33 0.95 13.10
C GLN A 475 12.61 -0.31 12.31
N ASN A 476 11.57 -1.08 12.01
CA ASN A 476 11.73 -2.29 11.24
C ASN A 476 12.09 -1.99 9.79
N PHE A 477 11.33 -1.12 9.14
CA PHE A 477 11.67 -0.75 7.79
C PHE A 477 13.13 -0.34 7.64
N THR A 478 13.60 0.59 8.46
CA THR A 478 14.94 1.14 8.28
C THR A 478 16.00 0.12 8.70
N THR A 479 15.77 -0.62 9.78
CA THR A 479 16.76 -1.61 10.20
C THR A 479 16.94 -2.71 9.12
N ILE A 480 15.83 -3.25 8.63
CA ILE A 480 15.91 -4.30 7.64
C ILE A 480 16.47 -3.75 6.33
N ALA A 481 15.99 -2.59 5.88
CA ALA A 481 16.45 -1.98 4.62
C ALA A 481 17.97 -1.76 4.65
N ARG A 482 18.47 -1.24 5.78
CA ARG A 482 19.90 -0.97 5.88
C ARG A 482 20.74 -2.22 5.69
N LYS A 483 20.33 -3.32 6.31
CA LYS A 483 21.05 -4.58 6.20
C LYS A 483 21.00 -5.15 4.77
N LEU A 484 19.83 -5.12 4.16
CA LEU A 484 19.66 -5.62 2.79
C LEU A 484 20.45 -4.78 1.77
N LEU A 485 20.42 -3.45 1.91
CA LEU A 485 21.14 -2.58 0.97
C LEU A 485 22.64 -2.79 1.04
N LYS A 486 23.17 -2.97 2.25
CA LYS A 486 24.60 -3.32 2.43
C LYS A 486 24.97 -4.66 1.80
N GLN A 487 23.99 -5.57 1.71
CA GLN A 487 24.16 -6.88 1.07
C GLN A 487 23.76 -6.88 -0.41
N ASN A 488 23.65 -5.69 -0.99
CA ASN A 488 23.39 -5.48 -2.42
C ASN A 488 22.01 -5.89 -2.92
N VAL A 489 21.03 -5.86 -2.02
CA VAL A 489 19.65 -6.13 -2.40
C VAL A 489 19.08 -4.86 -3.04
N LEU A 490 18.43 -5.02 -4.19
CA LEU A 490 17.66 -3.94 -4.78
C LEU A 490 16.37 -3.84 -3.99
N VAL A 491 16.18 -2.69 -3.35
CA VAL A 491 15.03 -2.47 -2.49
C VAL A 491 14.02 -1.56 -3.22
N VAL A 492 12.79 -2.04 -3.27
CA VAL A 492 11.68 -1.27 -3.81
C VAL A 492 10.66 -1.17 -2.71
N ALA A 493 9.80 -0.18 -2.76
CA ALA A 493 8.92 0.12 -1.64
C ALA A 493 7.63 0.78 -2.09
N THR A 494 6.58 0.51 -1.34
CA THR A 494 5.28 1.07 -1.61
C THR A 494 4.61 1.49 -0.31
N GLY A 495 3.55 2.27 -0.46
CA GLY A 495 2.71 2.63 0.68
C GLY A 495 3.47 3.31 1.79
N CYS A 496 3.14 2.95 3.02
CA CYS A 496 3.75 3.60 4.17
C CYS A 496 5.14 3.00 4.46
N GLY A 497 5.47 1.90 3.77
CA GLY A 497 6.84 1.40 3.74
C GLY A 497 7.74 2.36 2.98
N ALA A 498 7.26 2.77 1.81
CA ALA A 498 7.90 3.82 1.04
C ALA A 498 7.91 5.10 1.88
N GLY A 499 6.83 5.38 2.60
CA GLY A 499 6.78 6.55 3.49
C GLY A 499 7.87 6.57 4.55
N ALA A 500 8.02 5.44 5.24
CA ALA A 500 9.07 5.27 6.25
C ALA A 500 10.44 5.52 5.64
N LEU A 501 10.70 4.85 4.53
CA LEU A 501 12.01 4.94 3.93
C LEU A 501 12.29 6.36 3.36
N MET A 502 11.30 6.96 2.71
CA MET A 502 11.50 8.32 2.24
CA MET A 502 11.41 8.35 2.25
C MET A 502 11.80 9.30 3.37
N ARG A 503 11.11 9.16 4.52
CA ARG A 503 11.27 10.09 5.65
C ARG A 503 12.63 9.92 6.34
N HIS A 504 13.31 8.80 6.09
CA HIS A 504 14.61 8.52 6.69
C HIS A 504 15.76 8.61 5.69
N GLY A 505 15.46 9.18 4.52
CA GLY A 505 16.47 9.51 3.53
C GLY A 505 16.79 8.45 2.51
N PHE A 506 16.00 7.37 2.47
CA PHE A 506 16.34 6.24 1.58
C PHE A 506 15.97 6.48 0.13
N MET A 507 15.28 7.59 -0.15
CA MET A 507 14.89 7.97 -1.50
CA MET A 507 14.95 7.92 -1.52
C MET A 507 15.72 9.15 -1.97
N ASP A 508 16.80 9.46 -1.24
CA ASP A 508 17.73 10.52 -1.65
C ASP A 508 19.00 9.88 -2.21
N PRO A 509 19.29 10.10 -3.51
CA PRO A 509 20.51 9.52 -4.11
C PRO A 509 21.81 9.95 -3.44
N ALA A 510 21.78 11.07 -2.72
CA ALA A 510 22.94 11.53 -1.98
C ALA A 510 23.32 10.55 -0.85
N ASN A 511 22.40 9.65 -0.49
CA ASN A 511 22.67 8.65 0.53
C ASN A 511 23.11 7.27 0.02
N VAL A 512 23.28 7.13 -1.30
CA VAL A 512 23.71 5.87 -1.91
C VAL A 512 25.07 5.39 -1.34
N ASP A 513 26.05 6.29 -1.26
CA ASP A 513 27.36 5.88 -0.75
C ASP A 513 27.29 5.31 0.65
N GLU A 514 26.49 5.94 1.51
CA GLU A 514 26.36 5.50 2.90
C GLU A 514 25.62 4.17 3.04
N LEU A 515 24.53 4.02 2.29
CA LEU A 515 23.58 2.94 2.50
C LEU A 515 23.86 1.66 1.72
N CYS A 516 24.44 1.82 0.53
CA CYS A 516 24.46 0.73 -0.45
C CYS A 516 25.79 -0.01 -0.49
N GLY A 517 25.71 -1.34 -0.61
CA GLY A 517 26.88 -2.15 -0.94
C GLY A 517 27.47 -1.69 -2.27
N ASP A 518 28.72 -2.05 -2.50
CA ASP A 518 29.44 -1.61 -3.68
C ASP A 518 28.78 -2.09 -4.97
N GLY A 519 28.31 -3.34 -4.97
CA GLY A 519 27.64 -3.92 -6.13
C GLY A 519 26.41 -3.13 -6.50
N LEU A 520 25.55 -2.91 -5.50
CA LEU A 520 24.31 -2.19 -5.69
C LEU A 520 24.58 -0.75 -6.11
N LYS A 521 25.52 -0.12 -5.43
CA LYS A 521 25.94 1.23 -5.80
C LYS A 521 26.36 1.30 -7.28
N ALA A 522 27.17 0.35 -7.70
CA ALA A 522 27.64 0.28 -9.08
C ALA A 522 26.46 0.28 -10.07
N VAL A 523 25.43 -0.52 -9.75
CA VAL A 523 24.28 -0.66 -10.62
C VAL A 523 23.41 0.59 -10.61
N LEU A 524 23.09 1.10 -9.42
CA LEU A 524 22.32 2.33 -9.31
C LEU A 524 23.00 3.48 -10.03
N THR A 525 24.31 3.56 -9.89
CA THR A 525 25.11 4.60 -10.55
C THR A 525 25.09 4.43 -12.05
N ALA A 526 25.34 3.21 -12.54
CA ALA A 526 25.27 2.89 -13.96
C ALA A 526 23.94 3.29 -14.60
N ILE A 527 22.83 2.92 -13.97
CA ILE A 527 21.51 3.25 -14.50
C ILE A 527 21.27 4.75 -14.43
N GLY A 528 21.60 5.35 -13.30
CA GLY A 528 21.45 6.79 -13.13
C GLY A 528 22.24 7.61 -14.15
N GLU A 529 23.50 7.27 -14.35
CA GLU A 529 24.34 7.96 -15.32
C GLU A 529 23.84 7.78 -16.76
N ALA A 530 23.27 6.61 -17.06
CA ALA A 530 22.69 6.36 -18.39
C ALA A 530 21.41 7.17 -18.61
N ASN A 531 20.81 7.65 -17.52
CA ASN A 531 19.58 8.43 -17.57
C ASN A 531 19.83 9.92 -17.39
N GLY A 532 21.09 10.33 -17.56
CA GLY A 532 21.48 11.74 -17.57
C GLY A 532 21.60 12.40 -16.21
N LEU A 533 21.65 11.61 -15.14
CA LEU A 533 21.58 12.16 -13.78
C LEU A 533 22.94 12.61 -13.26
N GLY A 534 24.02 12.07 -13.81
CA GLY A 534 25.37 12.33 -13.28
C GLY A 534 25.50 11.81 -11.86
N GLY A 535 24.65 10.84 -11.55
CA GLY A 535 24.53 10.34 -10.21
C GLY A 535 23.60 9.14 -10.24
N PRO A 536 23.59 8.38 -9.15
CA PRO A 536 22.81 7.16 -9.10
C PRO A 536 21.32 7.40 -8.96
N LEU A 537 20.56 6.34 -9.25
CA LEU A 537 19.20 6.24 -8.78
C LEU A 537 19.23 6.30 -7.25
N PRO A 538 18.08 6.55 -6.61
CA PRO A 538 18.06 6.53 -5.16
C PRO A 538 18.30 5.13 -4.57
N PRO A 539 18.67 5.07 -3.29
CA PRO A 539 18.89 3.78 -2.64
C PRO A 539 17.71 2.82 -2.69
N VAL A 540 16.50 3.37 -2.63
CA VAL A 540 15.27 2.58 -2.65
C VAL A 540 14.39 3.17 -3.74
N LEU A 541 13.74 2.30 -4.50
CA LEU A 541 12.87 2.70 -5.61
C LEU A 541 11.43 2.70 -5.13
N HIS A 542 10.86 3.90 -5.13
CA HIS A 542 9.48 4.12 -4.76
C HIS A 542 8.53 3.74 -5.89
N MET A 543 7.81 2.64 -5.68
CA MET A 543 6.90 2.08 -6.68
C MET A 543 5.44 2.50 -6.49
N GLY A 544 5.18 3.24 -5.42
CA GLY A 544 3.93 3.98 -5.31
C GLY A 544 3.08 3.60 -4.12
N SER A 545 1.77 3.69 -4.31
CA SER A 545 0.79 3.42 -3.26
C SER A 545 0.66 1.91 -2.99
N CYS A 546 -0.20 1.52 -2.05
CA CYS A 546 -0.40 0.12 -1.75
C CYS A 546 -1.02 -0.65 -2.90
N VAL A 547 -1.96 -0.08 -3.64
CA VAL A 547 -2.45 -0.79 -4.82
C VAL A 547 -1.30 -0.99 -5.81
N ASP A 548 -0.36 -0.05 -5.83
CA ASP A 548 0.84 -0.13 -6.65
C ASP A 548 1.84 -1.19 -6.20
N ASN A 549 1.57 -1.91 -5.12
CA ASN A 549 2.20 -3.22 -5.01
C ASN A 549 2.01 -4.05 -6.27
N SER A 550 0.91 -3.81 -6.99
CA SER A 550 0.69 -4.44 -8.28
C SER A 550 1.79 -4.13 -9.29
N ARG A 551 2.39 -2.95 -9.19
CA ARG A 551 3.52 -2.61 -10.06
C ARG A 551 4.70 -3.54 -9.81
N ALA A 552 4.98 -3.82 -8.55
CA ALA A 552 6.02 -4.78 -8.18
C ALA A 552 5.70 -6.16 -8.76
N VAL A 553 4.44 -6.58 -8.73
CA VAL A 553 4.03 -7.81 -9.37
C VAL A 553 4.31 -7.75 -10.87
N ALA A 554 3.95 -6.65 -11.53
CA ALA A 554 4.23 -6.48 -12.96
C ALA A 554 5.72 -6.64 -13.28
N LEU A 555 6.57 -6.01 -12.48
CA LEU A 555 8.03 -6.11 -12.65
C LEU A 555 8.50 -7.54 -12.49
N VAL A 556 8.10 -8.16 -11.38
CA VAL A 556 8.54 -9.53 -11.05
C VAL A 556 8.03 -10.56 -12.07
N ALA A 557 6.79 -10.38 -12.52
CA ALA A 557 6.21 -11.22 -13.58
C ALA A 557 6.91 -11.02 -14.93
N ALA A 558 7.32 -9.80 -15.23
CA ALA A 558 8.06 -9.52 -16.46
C ALA A 558 9.43 -10.18 -16.37
N LEU A 559 10.07 -10.12 -15.19
CA LEU A 559 11.33 -10.82 -14.97
C LEU A 559 11.15 -12.34 -15.10
N ALA A 560 10.09 -12.85 -14.49
CA ALA A 560 9.77 -14.28 -14.60
C ALA A 560 9.62 -14.67 -16.07
N ASN A 561 8.84 -13.89 -16.84
CA ASN A 561 8.60 -14.21 -18.24
CA ASN A 561 8.60 -14.24 -18.24
C ASN A 561 9.89 -14.16 -19.04
N ARG A 562 10.71 -13.16 -18.77
CA ARG A 562 11.99 -13.02 -19.45
C ARG A 562 12.95 -14.18 -19.17
N LEU A 563 12.91 -14.71 -17.95
CA LEU A 563 13.79 -15.83 -17.54
C LEU A 563 13.21 -17.19 -17.86
N GLY A 564 11.92 -17.23 -18.19
CA GLY A 564 11.23 -18.50 -18.46
C GLY A 564 11.07 -19.39 -17.23
N VAL A 565 11.00 -18.74 -16.05
CA VAL A 565 10.78 -19.46 -14.81
C VAL A 565 9.64 -18.79 -14.08
N ASP A 566 9.09 -19.50 -13.10
CA ASP A 566 8.02 -18.98 -12.27
C ASP A 566 8.59 -18.10 -11.16
N LEU A 567 7.70 -17.33 -10.54
CA LEU A 567 8.06 -16.35 -9.52
C LEU A 567 8.71 -17.00 -8.28
N ASP A 568 8.34 -18.23 -7.99
CA ASP A 568 8.87 -18.95 -6.85
C ASP A 568 10.28 -19.48 -7.06
N ARG A 569 10.88 -19.18 -8.22
CA ARG A 569 12.28 -19.41 -8.45
C ARG A 569 13.12 -18.13 -8.44
N LEU A 570 12.47 -16.97 -8.36
CA LEU A 570 13.19 -15.71 -8.41
C LEU A 570 13.70 -15.26 -7.03
N PRO A 571 14.89 -14.63 -7.00
CA PRO A 571 15.46 -14.10 -5.74
C PRO A 571 14.76 -12.79 -5.37
N VAL A 572 13.47 -12.89 -5.07
CA VAL A 572 12.61 -11.75 -4.80
C VAL A 572 11.82 -12.10 -3.53
N VAL A 573 11.80 -11.16 -2.58
CA VAL A 573 11.07 -11.33 -1.33
C VAL A 573 10.29 -10.05 -1.04
N ALA A 574 9.34 -10.16 -0.12
CA ALA A 574 8.56 -9.02 0.39
C ALA A 574 8.64 -8.95 1.90
N SER A 575 8.46 -7.74 2.41
CA SER A 575 8.45 -7.47 3.86
C SER A 575 7.38 -6.43 4.20
N ALA A 576 6.34 -6.90 4.88
CA ALA A 576 5.37 -6.03 5.50
C ALA A 576 5.86 -5.86 6.94
N ALA A 577 6.89 -5.01 7.08
CA ALA A 577 7.75 -5.03 8.26
C ALA A 577 7.07 -4.48 9.50
N GLU A 578 6.02 -3.66 9.31
CA GLU A 578 5.27 -3.02 10.40
C GLU A 578 3.76 -3.04 10.15
N ALA A 579 3.28 -4.15 9.62
CA ALA A 579 1.92 -4.26 9.09
C ALA A 579 0.84 -3.94 10.12
N MET A 580 -0.26 -3.36 9.64
CA MET A 580 -1.39 -2.97 10.47
C MET A 580 -2.74 -3.35 9.84
N HIS A 581 -2.99 -2.85 8.66
CA HIS A 581 -4.34 -2.93 8.11
C HIS A 581 -4.65 -4.34 7.59
N GLU A 582 -5.94 -4.67 7.60
CA GLU A 582 -6.40 -5.89 6.92
C GLU A 582 -5.91 -5.92 5.47
N LYS A 583 -5.87 -4.78 4.80
CA LYS A 583 -5.27 -4.69 3.47
C LYS A 583 -3.83 -5.24 3.42
N ALA A 584 -3.01 -4.97 4.45
CA ALA A 584 -1.64 -5.48 4.49
C ALA A 584 -1.60 -7.00 4.63
N VAL A 585 -2.54 -7.53 5.41
CA VAL A 585 -2.68 -8.99 5.53
C VAL A 585 -3.04 -9.60 4.14
N ALA A 586 -3.99 -8.99 3.44
CA ALA A 586 -4.36 -9.45 2.10
C ALA A 586 -3.17 -9.41 1.15
N ILE A 587 -2.44 -8.30 1.16
CA ILE A 587 -1.24 -8.13 0.33
C ILE A 587 -0.16 -9.19 0.68
N GLY A 588 0.15 -9.36 1.96
CA GLY A 588 1.10 -10.40 2.38
C GLY A 588 0.69 -11.78 1.90
N THR A 589 -0.61 -12.05 1.97
CA THR A 589 -1.14 -13.36 1.61
C THR A 589 -1.05 -13.57 0.09
N TRP A 590 -1.35 -12.56 -0.73
CA TRP A 590 -1.14 -12.76 -2.16
C TRP A 590 0.33 -12.79 -2.58
N ALA A 591 1.18 -12.09 -1.84
CA ALA A 591 2.62 -12.19 -2.07
C ALA A 591 3.06 -13.64 -1.90
N VAL A 592 2.57 -14.29 -0.84
CA VAL A 592 2.80 -15.73 -0.62
C VAL A 592 2.21 -16.57 -1.73
N THR A 593 1.00 -16.22 -2.16
CA THR A 593 0.27 -17.01 -3.16
C THR A 593 0.89 -16.94 -4.56
N ILE A 594 1.48 -15.81 -4.90
CA ILE A 594 2.15 -15.68 -6.20
C ILE A 594 3.60 -16.26 -6.19
N GLY A 595 4.08 -16.66 -5.01
CA GLY A 595 5.34 -17.42 -4.89
C GLY A 595 6.49 -16.78 -4.13
N LEU A 596 6.21 -15.72 -3.38
CA LEU A 596 7.26 -14.97 -2.68
C LEU A 596 7.42 -15.36 -1.21
N PRO A 597 8.67 -15.47 -0.75
CA PRO A 597 8.91 -15.42 0.69
C PRO A 597 8.52 -14.05 1.18
N THR A 598 7.64 -14.02 2.19
CA THR A 598 6.98 -12.81 2.60
C THR A 598 7.12 -12.62 4.10
N HIS A 599 7.97 -11.67 4.47
CA HIS A 599 8.17 -11.34 5.84
C HIS A 599 7.02 -10.46 6.38
N ILE A 600 6.58 -10.75 7.60
CA ILE A 600 5.69 -9.87 8.35
C ILE A 600 6.31 -9.60 9.73
N GLY A 601 6.42 -8.32 10.10
CA GLY A 601 7.20 -7.91 11.27
C GLY A 601 6.38 -7.60 12.49
N VAL A 602 5.09 -7.94 12.42
CA VAL A 602 4.17 -7.86 13.54
CA VAL A 602 4.21 -7.91 13.57
C VAL A 602 3.50 -9.25 13.60
N LEU A 603 2.97 -9.61 14.75
CA LEU A 603 2.33 -10.90 14.91
C LEU A 603 0.90 -10.81 14.36
N PRO A 604 0.61 -11.56 13.28
CA PRO A 604 -0.78 -11.68 12.91
C PRO A 604 -1.41 -12.71 13.89
N PRO A 605 -2.73 -12.70 14.02
CA PRO A 605 -3.37 -13.49 15.06
C PRO A 605 -3.46 -14.97 14.69
N ILE A 606 -2.31 -15.61 14.61
CA ILE A 606 -2.23 -17.00 14.15
C ILE A 606 -1.49 -17.92 15.10
N THR A 607 -0.78 -17.35 16.06
CA THR A 607 0.10 -18.15 16.93
C THR A 607 -0.64 -19.11 17.85
N GLY A 608 -1.93 -18.88 18.06
CA GLY A 608 -2.78 -19.78 18.83
C GLY A 608 -3.05 -21.10 18.14
N SER A 609 -2.72 -21.22 16.86
CA SER A 609 -2.81 -22.49 16.17
C SER A 609 -1.48 -22.86 15.51
N LEU A 610 -0.82 -23.87 16.08
CA LEU A 610 0.40 -24.35 15.45
C LEU A 610 0.14 -24.87 14.02
N PRO A 611 -0.89 -25.72 13.82
CA PRO A 611 -1.14 -26.16 12.45
C PRO A 611 -1.35 -25.04 11.43
N VAL A 612 -2.09 -23.99 11.79
CA VAL A 612 -2.27 -22.88 10.85
C VAL A 612 -0.94 -22.16 10.59
N THR A 613 -0.19 -21.89 11.67
CA THR A 613 1.13 -21.28 11.54
C THR A 613 2.03 -22.11 10.64
N GLN A 614 2.02 -23.42 10.83
CA GLN A 614 2.83 -24.32 10.02
C GLN A 614 2.44 -24.27 8.55
N ILE A 615 1.15 -24.21 8.27
CA ILE A 615 0.70 -24.08 6.88
C ILE A 615 1.22 -22.78 6.27
N LEU A 616 1.02 -21.69 7.00
CA LEU A 616 1.34 -20.36 6.48
C LEU A 616 2.83 -20.08 6.34
N THR A 617 3.63 -20.71 7.19
CA THR A 617 5.08 -20.49 7.24
C THR A 617 5.90 -21.61 6.61
N SER A 618 5.27 -22.71 6.26
CA SER A 618 5.99 -23.88 5.76
C SER A 618 5.27 -24.66 4.68
N SER A 619 4.14 -25.29 4.98
CA SER A 619 3.58 -26.21 3.99
C SER A 619 3.01 -25.51 2.77
N VAL A 620 2.66 -24.23 2.91
CA VAL A 620 2.20 -23.47 1.74
C VAL A 620 3.28 -23.39 0.65
N LYS A 621 4.56 -23.53 1.03
CA LYS A 621 5.64 -23.63 0.06
C LYS A 621 5.33 -24.70 -0.99
N ASP A 622 4.72 -25.80 -0.56
CA ASP A 622 4.45 -26.92 -1.45
C ASP A 622 3.26 -26.68 -2.35
N ILE A 623 2.52 -25.61 -2.09
CA ILE A 623 1.32 -25.29 -2.83
C ILE A 623 1.66 -24.18 -3.83
N THR A 624 2.17 -23.06 -3.29
CA THR A 624 2.47 -21.88 -4.10
C THR A 624 3.96 -21.57 -4.26
N GLY A 625 4.84 -22.18 -3.47
CA GLY A 625 6.26 -21.84 -3.49
C GLY A 625 6.60 -20.65 -2.62
N GLY A 626 5.62 -19.85 -2.21
CA GLY A 626 5.86 -18.76 -1.29
C GLY A 626 5.59 -19.21 0.12
N TYR A 627 5.76 -18.32 1.08
CA TYR A 627 5.60 -18.66 2.50
C TYR A 627 5.78 -17.42 3.33
N PHE A 628 5.08 -17.34 4.45
CA PHE A 628 5.31 -16.26 5.41
C PHE A 628 6.55 -16.51 6.24
N ILE A 629 7.23 -15.41 6.56
CA ILE A 629 8.31 -15.38 7.53
C ILE A 629 7.86 -14.42 8.65
N VAL A 630 7.41 -14.96 9.78
CA VAL A 630 6.95 -14.13 10.89
C VAL A 630 8.15 -13.90 11.78
N GLU A 631 8.59 -12.65 11.87
CA GLU A 631 9.76 -12.30 12.65
C GLU A 631 9.69 -10.85 13.14
N LEU A 632 9.53 -10.70 14.45
CA LEU A 632 9.34 -9.40 15.10
CA LEU A 632 9.34 -9.37 15.05
C LEU A 632 10.66 -8.64 15.28
N ASP A 633 11.77 -9.38 15.34
CA ASP A 633 13.08 -8.76 15.49
C ASP A 633 13.62 -8.39 14.12
N PRO A 634 13.78 -7.08 13.86
CA PRO A 634 14.17 -6.70 12.50
C PRO A 634 15.56 -7.15 12.04
N GLU A 635 16.56 -7.19 12.92
CA GLU A 635 17.87 -7.75 12.51
C GLU A 635 17.73 -9.21 12.09
N THR A 636 16.98 -9.98 12.88
CA THR A 636 16.74 -11.39 12.56
C THR A 636 15.90 -11.51 11.28
N ALA A 637 14.91 -10.64 11.11
CA ALA A 637 14.09 -10.61 9.89
C ALA A 637 14.95 -10.40 8.62
N ALA A 638 15.88 -9.46 8.71
CA ALA A 638 16.82 -9.20 7.63
C ALA A 638 17.63 -10.44 7.29
N ASP A 639 18.15 -11.11 8.32
CA ASP A 639 18.91 -12.34 8.09
C ASP A 639 18.05 -13.39 7.42
N LYS A 640 16.81 -13.53 7.84
CA LYS A 640 15.90 -14.50 7.26
C LYS A 640 15.53 -14.16 5.82
N LEU A 641 15.36 -12.89 5.54
CA LEU A 641 15.06 -12.45 4.17
C LEU A 641 16.26 -12.69 3.27
N LEU A 642 17.45 -12.41 3.79
CA LEU A 642 18.68 -12.68 3.04
C LEU A 642 18.86 -14.17 2.77
N ALA A 643 18.55 -15.00 3.76
CA ALA A 643 18.61 -16.45 3.61
C ALA A 643 17.63 -16.90 2.53
N ALA A 644 16.42 -16.34 2.55
CA ALA A 644 15.40 -16.64 1.54
C ALA A 644 15.89 -16.27 0.13
N ILE A 645 16.44 -15.07 0.01
CA ILE A 645 17.00 -14.59 -1.25
C ILE A 645 18.10 -15.52 -1.74
N ASN A 646 19.02 -15.87 -0.84
CA ASN A 646 20.17 -16.68 -1.20
C ASN A 646 19.78 -18.09 -1.56
N GLU A 647 18.75 -18.63 -0.90
CA GLU A 647 18.22 -19.94 -1.25
C GLU A 647 17.71 -19.93 -2.67
N ARG A 648 17.02 -18.85 -3.04
CA ARG A 648 16.54 -18.68 -4.41
C ARG A 648 17.72 -18.58 -5.40
N ARG A 649 18.75 -17.83 -5.02
CA ARG A 649 19.97 -17.75 -5.84
C ARG A 649 20.55 -19.13 -6.08
N ALA A 650 20.69 -19.92 -5.00
CA ALA A 650 21.24 -21.28 -5.08
C ALA A 650 20.42 -22.17 -6.00
N GLY A 651 19.09 -22.03 -5.90
CA GLY A 651 18.14 -22.72 -6.74
C GLY A 651 18.30 -22.46 -8.22
N LEU A 652 18.75 -21.25 -8.55
CA LEU A 652 19.06 -20.86 -9.92
C LEU A 652 20.51 -21.17 -10.30
N GLY A 653 21.25 -21.84 -9.43
CA GLY A 653 22.63 -22.18 -9.71
C GLY A 653 23.59 -21.01 -9.63
N LEU A 654 23.21 -19.97 -8.91
CA LEU A 654 24.01 -18.75 -8.81
C LEU A 654 24.82 -18.73 -7.49
N PRO A 655 26.01 -18.11 -7.52
CA PRO A 655 26.76 -17.89 -6.28
C PRO A 655 26.00 -16.93 -5.36
N TRP A 656 26.20 -17.02 -4.06
CA TRP A 656 25.50 -16.12 -3.12
C TRP A 656 26.36 -15.81 -1.89
FE FE2 B . -1.47 2.69 2.16
FE FE2 B . -2.79 2.57 1.92
FE1 SF4 C . -18.41 -19.78 19.44
FE2 SF4 C . -20.26 -19.16 17.56
FE3 SF4 C . -17.63 -18.88 17.07
FE4 SF4 C . -18.66 -21.37 17.23
S1 SF4 C . -19.17 -19.80 15.66
S2 SF4 C . -16.69 -20.67 18.15
S3 SF4 C . -20.22 -21.04 18.93
S4 SF4 C . -18.86 -17.68 18.57
FE1 FES D . -12.13 -11.97 22.34
FE2 FES D . -10.28 -10.79 23.92
S1 FES D . -11.57 -12.67 24.47
S2 FES D . -10.29 -10.74 21.69
NI WCC E . -1.39 0.37 2.80
FE1 WCC E . -2.87 2.24 5.08
FE3 WCC E . -1.06 0.62 5.57
FE4 WCC E . -0.42 3.05 4.86
S1 WCC E . 0.32 1.20 3.98
S2 WCC E . -1.36 2.48 6.80
S3 WCC E . -2.18 3.77 3.64
S4 WCC E . -2.74 0.12 4.38
C CO2 F . -2.96 -0.08 1.73
O1 CO2 F . -3.67 0.83 1.26
O2 CO2 F . -3.00 -1.34 1.59
#